data_6RU1
#
_entry.id   6RU1
#
_cell.length_a   84.240
_cell.length_b   84.240
_cell.length_c   260.815
_cell.angle_alpha   90.000
_cell.angle_beta   90.000
_cell.angle_gamma   90.000
#
_symmetry.space_group_name_H-M   'P 41 21 2'
#
loop_
_entity.id
_entity.type
_entity.pdbx_description
1 polymer '4-O-methyl-glucuronoyl methylesterase'
2 branched '4-O-methyl-alpha-D-glucopyranuronic acid-(1-2)-beta-D-xylopyranose-(1-4)-beta-D-xylopyranose'
3 non-polymer 2-acetamido-2-deoxy-beta-D-glucopyranose
4 non-polymer 1,2-ETHANEDIOL
5 non-polymer GLYCEROL
6 non-polymer 'SODIUM ION'
7 water water
#
_entity_poly.entity_id   1
_entity_poly.type   'polypeptide(L)'
_entity_poly.pdbx_seq_one_letter_code
;EAEAEFGACGAIASTVPNYNNAKLPDPFTFANGTALRTKADWSCRRAEISALIQNYEAGTLPPKPPVVTASFSKSGNTGT
LAITAGLSNSQTIKFSPTISYPSGTPPANGWPLIIAYEGGSIPIPAGVATLTYSNSDMAQQNSASSRGQGLFYQLYGSTH
SASAMTAWVWGVSRIIDALEMTPTAQINTQRIGVTGCARDGKGALMAGAFEERIALTIPQESGSGGDACWRLSKYEIDNG
NQVQDAVEIVGENVWFSTNFNNYVQKLPTVPEDHHLLAAMVAPRAMISFENTDYLWLSPMSSFGCMTAAHTVWQGLGIAD
SHGFAQVGGHAHCAWPSSLTPQLNAFINRFLLDQSATTNVFTTNNQFGKVQWNAANWITWTTPTLTENLYFQGVDHHHHH
H
;
_entity_poly.pdbx_strand_id   A,B
#
loop_
_chem_comp.id
_chem_comp.type
_chem_comp.name
_chem_comp.formula
EDO non-polymer 1,2-ETHANEDIOL 'C2 H6 O2'
GCV D-saccharide, alpha linking '4-O-methyl-alpha-D-glucopyranuronic acid' 'C7 H12 O7'
GOL non-polymer GLYCEROL 'C3 H8 O3'
NA non-polymer 'SODIUM ION' 'Na 1'
NAG D-saccharide, beta linking 2-acetamido-2-deoxy-beta-D-glucopyranose 'C8 H15 N O6'
XYP D-saccharide, beta linking beta-D-xylopyranose 'C5 H10 O5'
#
# COMPACT_ATOMS: atom_id res chain seq x y z
N GLU A 1 1.20 -35.76 -22.10
CA GLU A 1 1.44 -37.21 -22.20
C GLU A 1 2.50 -37.65 -21.19
N ALA A 2 2.50 -38.95 -20.89
CA ALA A 2 3.49 -39.54 -19.99
C ALA A 2 3.46 -38.89 -18.61
N GLU A 3 2.25 -38.55 -18.14
CA GLU A 3 2.13 -37.96 -16.81
C GLU A 3 2.58 -38.93 -15.72
N ALA A 4 2.40 -40.23 -15.94
CA ALA A 4 2.78 -41.22 -14.93
C ALA A 4 4.27 -41.18 -14.65
N GLU A 5 5.08 -40.77 -15.62
CA GLU A 5 6.52 -40.69 -15.46
C GLU A 5 7.02 -39.30 -15.08
N PHE A 6 6.41 -38.25 -15.62
CA PHE A 6 6.93 -36.90 -15.44
C PHE A 6 6.09 -36.02 -14.52
N GLY A 7 4.90 -36.43 -14.14
CA GLY A 7 4.04 -35.60 -13.31
C GLY A 7 2.93 -34.93 -14.10
N ALA A 8 2.26 -33.99 -13.42
CA ALA A 8 1.04 -33.41 -13.96
C ALA A 8 1.23 -32.74 -15.30
N CYS A 9 2.42 -32.22 -15.57
CA CYS A 9 2.65 -31.49 -16.81
C CYS A 9 3.18 -32.36 -17.94
N GLY A 10 3.36 -33.67 -17.70
CA GLY A 10 3.74 -34.57 -18.77
C GLY A 10 5.13 -34.31 -19.30
N ALA A 11 5.35 -34.78 -20.54
CA ALA A 11 6.65 -34.70 -21.18
C ALA A 11 6.79 -33.38 -21.95
N ILE A 12 6.97 -32.31 -21.17
CA ILE A 12 7.23 -31.00 -21.75
C ILE A 12 8.44 -31.08 -22.67
N ALA A 13 8.38 -30.30 -23.74
CA ALA A 13 9.44 -30.33 -24.73
C ALA A 13 10.60 -29.43 -24.30
N SER A 14 11.82 -29.91 -24.53
CA SER A 14 12.99 -29.04 -24.43
CA SER A 14 13.01 -29.07 -24.42
C SER A 14 13.54 -28.64 -25.78
N THR A 15 13.10 -29.28 -26.86
CA THR A 15 13.48 -28.89 -28.21
C THR A 15 12.26 -28.97 -29.12
N VAL A 16 12.29 -28.19 -30.20
CA VAL A 16 11.32 -28.28 -31.28
C VAL A 16 12.12 -28.28 -32.58
N PRO A 17 12.58 -29.44 -33.04
CA PRO A 17 13.62 -29.46 -34.09
C PRO A 17 13.20 -28.89 -35.43
N ASN A 18 11.92 -28.93 -35.79
CA ASN A 18 11.50 -28.47 -37.10
CA ASN A 18 11.42 -28.49 -37.08
C ASN A 18 10.85 -27.08 -37.06
N TYR A 19 11.05 -26.35 -35.98
CA TYR A 19 10.42 -25.04 -35.84
C TYR A 19 11.03 -24.04 -36.82
N ASN A 20 10.18 -23.21 -37.42
CA ASN A 20 10.66 -22.16 -38.34
C ASN A 20 9.54 -21.14 -38.46
N ASN A 21 9.64 -20.07 -37.67
CA ASN A 21 8.60 -19.06 -37.59
C ASN A 21 9.29 -17.71 -37.45
N ALA A 22 9.15 -16.87 -38.48
CA ALA A 22 9.75 -15.54 -38.45
C ALA A 22 9.02 -14.59 -37.50
N LYS A 23 7.76 -14.86 -37.20
CA LYS A 23 7.01 -14.04 -36.26
C LYS A 23 7.18 -14.59 -34.84
N LEU A 24 6.50 -13.98 -33.88
CA LEU A 24 6.72 -14.38 -32.48
C LEU A 24 6.04 -15.71 -32.17
N PRO A 25 6.73 -16.64 -31.52
CA PRO A 25 6.08 -17.89 -31.08
C PRO A 25 4.80 -17.66 -30.29
N ASP A 26 3.84 -18.55 -30.50
CA ASP A 26 2.52 -18.45 -29.88
C ASP A 26 2.61 -18.88 -28.42
N PRO A 27 2.35 -18.00 -27.45
CA PRO A 27 2.37 -18.44 -26.03
C PRO A 27 1.36 -19.53 -25.73
N PHE A 28 0.25 -19.57 -26.46
CA PHE A 28 -0.94 -20.32 -26.07
C PHE A 28 -1.04 -21.67 -26.77
N THR A 29 0.04 -22.16 -27.37
CA THR A 29 0.07 -23.50 -27.93
C THR A 29 1.33 -24.19 -27.43
N PHE A 30 1.16 -25.38 -26.85
CA PHE A 30 2.30 -26.17 -26.44
C PHE A 30 3.08 -26.65 -27.65
N ALA A 31 4.31 -27.10 -27.39
CA ALA A 31 5.15 -27.63 -28.46
C ALA A 31 4.46 -28.76 -29.22
N ASN A 32 3.63 -29.57 -28.54
CA ASN A 32 2.96 -30.70 -29.17
C ASN A 32 1.70 -30.31 -29.95
N GLY A 33 1.37 -29.02 -30.00
CA GLY A 33 0.20 -28.57 -30.73
C GLY A 33 -1.06 -28.47 -29.91
N THR A 34 -1.04 -28.90 -28.65
CA THR A 34 -2.18 -28.71 -27.77
C THR A 34 -2.35 -27.24 -27.42
N ALA A 35 -3.56 -26.72 -27.60
CA ALA A 35 -3.85 -25.33 -27.24
C ALA A 35 -4.10 -25.21 -25.75
N LEU A 36 -3.58 -24.13 -25.16
CA LEU A 36 -3.91 -23.83 -23.77
C LEU A 36 -5.36 -23.38 -23.66
N ARG A 37 -6.05 -23.84 -22.61
CA ARG A 37 -7.47 -23.51 -22.42
CA ARG A 37 -7.46 -23.49 -22.43
C ARG A 37 -7.76 -23.06 -21.00
N THR A 38 -7.04 -23.59 -20.02
CA THR A 38 -7.29 -23.28 -18.61
C THR A 38 -6.14 -22.52 -18.00
N LYS A 39 -6.41 -21.86 -16.86
CA LYS A 39 -5.34 -21.21 -16.12
C LYS A 39 -4.30 -22.22 -15.66
N ALA A 40 -4.75 -23.43 -15.29
CA ALA A 40 -3.81 -24.48 -14.90
C ALA A 40 -2.87 -24.85 -16.05
N ASP A 41 -3.37 -24.82 -17.29
CA ASP A 41 -2.50 -25.08 -18.43
C ASP A 41 -1.31 -24.14 -18.46
N TRP A 42 -1.49 -22.90 -17.99
CA TRP A 42 -0.36 -21.96 -18.04
C TRP A 42 0.80 -22.46 -17.21
N SER A 43 0.53 -23.03 -16.03
CA SER A 43 1.61 -23.55 -15.20
CA SER A 43 1.62 -23.54 -15.21
C SER A 43 2.47 -24.54 -15.98
N CYS A 44 1.83 -25.43 -16.73
CA CYS A 44 2.59 -26.42 -17.50
C CYS A 44 3.28 -25.77 -18.69
N ARG A 45 2.63 -24.82 -19.36
CA ARG A 45 3.28 -24.15 -20.48
C ARG A 45 4.48 -23.35 -20.02
N ARG A 46 4.38 -22.71 -18.85
CA ARG A 46 5.53 -22.02 -18.28
C ARG A 46 6.69 -23.00 -18.04
N ALA A 47 6.39 -24.21 -17.55
CA ALA A 47 7.47 -25.18 -17.36
C ALA A 47 8.11 -25.58 -18.68
N GLU A 48 7.29 -25.71 -19.72
CA GLU A 48 7.84 -26.01 -21.04
C GLU A 48 8.67 -24.85 -21.56
N ILE A 49 8.19 -23.62 -21.40
CA ILE A 49 8.97 -22.45 -21.81
C ILE A 49 10.31 -22.42 -21.09
N SER A 50 10.31 -22.72 -19.79
CA SER A 50 11.56 -22.78 -19.03
C SER A 50 12.53 -23.77 -19.67
N ALA A 51 12.04 -24.95 -20.03
CA ALA A 51 12.91 -25.96 -20.64
C ALA A 51 13.42 -25.48 -21.99
N LEU A 52 12.56 -24.85 -22.80
CA LEU A 52 12.98 -24.36 -24.10
C LEU A 52 14.04 -23.26 -23.97
N ILE A 53 13.82 -22.31 -23.06
CA ILE A 53 14.78 -21.23 -22.88
C ILE A 53 16.12 -21.79 -22.41
N GLN A 54 16.09 -22.73 -21.46
CA GLN A 54 17.33 -23.36 -21.02
C GLN A 54 18.04 -24.05 -22.18
N ASN A 55 17.30 -24.75 -23.03
CA ASN A 55 17.94 -25.49 -24.11
C ASN A 55 18.57 -24.55 -25.13
N TYR A 56 17.85 -23.50 -25.54
CA TYR A 56 18.30 -22.70 -26.67
C TYR A 56 19.21 -21.53 -26.29
N GLU A 57 19.01 -20.91 -25.12
CA GLU A 57 19.79 -19.70 -24.85
C GLU A 57 20.31 -19.54 -23.42
N ALA A 58 19.78 -20.23 -22.40
CA ALA A 58 20.17 -19.94 -21.04
C ALA A 58 21.07 -20.98 -20.40
N GLY A 59 21.14 -22.19 -20.96
CA GLY A 59 21.86 -23.26 -20.30
C GLY A 59 21.07 -23.82 -19.13
N THR A 60 21.68 -24.78 -18.45
CA THR A 60 20.99 -25.54 -17.42
C THR A 60 20.94 -24.79 -16.10
N LEU A 61 19.74 -24.61 -15.56
CA LEU A 61 19.56 -24.02 -14.24
C LEU A 61 19.53 -25.16 -13.21
N PRO A 62 20.57 -25.33 -12.38
CA PRO A 62 20.55 -26.44 -11.43
C PRO A 62 19.47 -26.23 -10.38
N PRO A 63 18.91 -27.31 -9.83
CA PRO A 63 17.97 -27.18 -8.71
C PRO A 63 18.69 -26.83 -7.41
N LYS A 64 17.93 -26.66 -6.35
CA LYS A 64 18.52 -26.43 -5.04
C LYS A 64 19.49 -27.56 -4.71
N PRO A 65 20.73 -27.25 -4.31
CA PRO A 65 21.69 -28.28 -3.97
C PRO A 65 21.38 -28.86 -2.60
N PRO A 66 22.00 -29.99 -2.24
CA PRO A 66 21.63 -30.65 -0.98
C PRO A 66 22.07 -29.89 0.27
N VAL A 67 23.06 -29.02 0.19
CA VAL A 67 23.51 -28.23 1.33
C VAL A 67 23.24 -26.76 1.03
N VAL A 68 22.39 -26.13 1.86
CA VAL A 68 22.25 -24.68 1.89
C VAL A 68 22.15 -24.28 3.34
N THR A 69 23.10 -23.50 3.83
CA THR A 69 23.07 -23.03 5.21
C THR A 69 23.25 -21.52 5.23
N ALA A 70 22.85 -20.90 6.34
CA ALA A 70 22.97 -19.46 6.45
C ALA A 70 23.13 -19.04 7.90
N SER A 71 23.93 -18.01 8.12
CA SER A 71 24.00 -17.35 9.40
C SER A 71 23.83 -15.86 9.17
N PHE A 72 23.34 -15.16 10.18
CA PHE A 72 22.98 -13.75 10.04
C PHE A 72 23.56 -12.96 11.19
N SER A 73 24.10 -11.79 10.87
CA SER A 73 24.56 -10.84 11.87
C SER A 73 24.16 -9.44 11.41
N LYS A 74 24.09 -8.53 12.37
CA LYS A 74 23.66 -7.17 12.06
C LYS A 74 24.53 -6.18 12.82
N SER A 75 24.84 -5.07 12.15
CA SER A 75 25.58 -3.97 12.74
C SER A 75 24.88 -2.69 12.28
N GLY A 76 24.39 -1.90 13.23
CA GLY A 76 23.58 -0.77 12.86
C GLY A 76 22.37 -1.24 12.09
N ASN A 77 22.14 -0.62 10.92
CA ASN A 77 21.02 -0.96 10.07
C ASN A 77 21.41 -1.89 8.93
N THR A 78 22.57 -2.55 9.01
CA THR A 78 23.07 -3.40 7.93
C THR A 78 23.21 -4.83 8.42
N GLY A 79 22.48 -5.74 7.79
CA GLY A 79 22.62 -7.15 8.05
C GLY A 79 23.53 -7.81 7.03
N THR A 80 24.21 -8.87 7.46
CA THR A 80 25.01 -9.70 6.57
C THR A 80 24.49 -11.12 6.66
N LEU A 81 24.09 -11.67 5.51
CA LEU A 81 23.54 -13.01 5.41
C LEU A 81 24.61 -13.89 4.77
N ALA A 82 25.32 -14.66 5.61
CA ALA A 82 26.43 -15.49 5.17
C ALA A 82 25.87 -16.84 4.76
N ILE A 83 25.96 -17.15 3.47
CA ILE A 83 25.35 -18.33 2.87
C ILE A 83 26.43 -19.31 2.45
N THR A 84 26.19 -20.59 2.69
CA THR A 84 27.02 -21.65 2.16
C THR A 84 26.14 -22.57 1.32
N ALA A 85 26.63 -22.97 0.16
CA ALA A 85 25.92 -23.89 -0.72
C ALA A 85 26.86 -25.03 -1.11
N GLY A 86 26.34 -26.25 -1.12
CA GLY A 86 27.19 -27.41 -1.32
C GLY A 86 26.50 -28.53 -2.06
N LEU A 87 27.29 -29.29 -2.82
CA LEU A 87 26.81 -30.43 -3.59
C LEU A 87 27.03 -31.74 -2.83
N SER A 88 26.45 -32.81 -3.37
CA SER A 88 26.56 -34.11 -2.72
C SER A 88 27.99 -34.63 -2.73
N ASN A 89 28.87 -34.05 -3.54
CA ASN A 89 30.26 -34.46 -3.59
C ASN A 89 31.16 -33.67 -2.65
N SER A 90 30.58 -32.87 -1.76
CA SER A 90 31.26 -32.09 -0.72
C SER A 90 31.70 -30.72 -1.18
N GLN A 91 31.70 -30.44 -2.47
CA GLN A 91 32.13 -29.13 -2.95
C GLN A 91 31.21 -28.07 -2.36
N THR A 92 31.80 -26.95 -1.92
CA THR A 92 31.01 -25.87 -1.36
C THR A 92 31.55 -24.53 -1.86
N ILE A 93 30.66 -23.53 -1.85
CA ILE A 93 30.99 -22.13 -2.03
C ILE A 93 30.28 -21.32 -0.96
N LYS A 94 30.73 -20.08 -0.78
CA LYS A 94 30.12 -19.19 0.21
CA LYS A 94 30.14 -19.18 0.21
C LYS A 94 30.00 -17.80 -0.39
N PHE A 95 28.93 -17.10 -0.01
CA PHE A 95 28.74 -15.71 -0.39
C PHE A 95 27.88 -15.03 0.67
N SER A 96 28.07 -13.72 0.84
CA SER A 96 27.51 -12.97 1.97
C SER A 96 26.89 -11.67 1.52
N PRO A 97 25.72 -11.71 0.91
CA PRO A 97 25.01 -10.47 0.60
C PRO A 97 24.66 -9.69 1.85
N THR A 98 24.52 -8.38 1.70
CA THR A 98 24.13 -7.51 2.80
C THR A 98 22.73 -6.94 2.56
N ILE A 99 22.08 -6.56 3.67
CA ILE A 99 20.74 -6.02 3.66
C ILE A 99 20.73 -4.69 4.39
N SER A 100 20.17 -3.67 3.77
CA SER A 100 19.99 -2.36 4.39
C SER A 100 18.55 -2.30 4.89
N TYR A 101 18.38 -2.05 6.20
CA TYR A 101 17.08 -2.09 6.85
C TYR A 101 16.57 -0.70 7.16
N PRO A 102 15.27 -0.47 7.02
CA PRO A 102 14.66 0.70 7.67
C PRO A 102 14.87 0.58 9.18
N SER A 103 14.88 1.73 9.86
CA SER A 103 15.08 1.69 11.29
C SER A 103 13.77 1.36 12.01
N GLY A 104 13.91 0.92 13.26
CA GLY A 104 12.76 0.70 14.11
C GLY A 104 12.13 -0.68 13.97
N THR A 105 10.95 -0.78 14.58
CA THR A 105 10.24 -2.05 14.65
C THR A 105 9.71 -2.43 13.27
N PRO A 106 9.86 -3.68 12.85
CA PRO A 106 9.36 -4.09 11.54
C PRO A 106 7.89 -4.44 11.62
N PRO A 107 7.23 -4.58 10.47
CA PRO A 107 5.88 -5.14 10.44
C PRO A 107 5.88 -6.53 11.04
N ALA A 108 4.69 -6.97 11.46
CA ALA A 108 4.56 -8.26 12.16
C ALA A 108 5.19 -9.40 11.38
N ASN A 109 5.04 -9.39 10.06
CA ASN A 109 5.54 -10.49 9.24
C ASN A 109 6.93 -10.24 8.68
N GLY A 110 7.60 -9.18 9.12
CA GLY A 110 8.91 -8.83 8.63
C GLY A 110 8.87 -7.73 7.57
N TRP A 111 10.06 -7.24 7.21
CA TRP A 111 10.16 -6.21 6.19
C TRP A 111 9.97 -6.82 4.80
N PRO A 112 9.21 -6.18 3.93
CA PRO A 112 9.32 -6.50 2.51
C PRO A 112 10.72 -6.15 2.04
N LEU A 113 11.14 -6.79 0.96
CA LEU A 113 12.54 -6.73 0.55
C LEU A 113 12.63 -6.67 -0.96
N ILE A 114 13.54 -5.86 -1.47
CA ILE A 114 13.92 -5.91 -2.88
C ILE A 114 15.36 -6.39 -2.97
N ILE A 115 15.56 -7.48 -3.72
CA ILE A 115 16.88 -7.98 -4.07
C ILE A 115 17.35 -7.16 -5.26
N ALA A 116 18.38 -6.34 -5.06
CA ALA A 116 18.85 -5.37 -6.05
C ALA A 116 20.21 -5.84 -6.59
N TYR A 117 20.23 -6.22 -7.87
CA TYR A 117 21.47 -6.63 -8.51
C TYR A 117 22.45 -5.46 -8.48
N GLU A 118 23.58 -5.65 -7.80
N GLU A 118 23.58 -5.66 -7.80
CA GLU A 118 24.60 -4.60 -7.67
CA GLU A 118 24.59 -4.61 -7.65
C GLU A 118 24.01 -3.30 -7.12
C GLU A 118 23.99 -3.31 -7.14
N GLY A 119 22.97 -3.41 -6.29
CA GLY A 119 22.34 -2.26 -5.68
C GLY A 119 21.18 -1.66 -6.45
N GLY A 120 21.03 -2.01 -7.73
CA GLY A 120 19.96 -1.47 -8.54
C GLY A 120 20.16 0.01 -8.87
N SER A 121 19.22 0.52 -9.65
CA SER A 121 19.23 1.94 -10.00
CA SER A 121 19.23 1.94 -9.99
C SER A 121 17.85 2.57 -9.88
N ILE A 122 16.96 1.98 -9.07
CA ILE A 122 15.66 2.56 -8.80
C ILE A 122 15.62 3.12 -7.38
N PRO A 123 14.83 4.15 -7.13
CA PRO A 123 14.62 4.60 -5.75
C PRO A 123 13.74 3.58 -5.04
N ILE A 124 14.25 3.02 -3.96
CA ILE A 124 13.52 2.02 -3.18
C ILE A 124 12.87 2.73 -2.01
N PRO A 125 11.56 2.58 -1.80
CA PRO A 125 10.88 3.34 -0.74
C PRO A 125 11.43 3.03 0.63
N ALA A 126 11.20 3.96 1.56
CA ALA A 126 11.82 3.89 2.88
C ALA A 126 11.36 2.71 3.72
N GLY A 127 10.19 2.14 3.44
CA GLY A 127 9.67 1.00 4.17
C GLY A 127 10.00 -0.35 3.59
N VAL A 128 10.88 -0.41 2.61
CA VAL A 128 11.28 -1.65 1.96
C VAL A 128 12.77 -1.82 2.21
N ALA A 129 13.18 -3.00 2.68
CA ALA A 129 14.60 -3.29 2.86
C ALA A 129 15.22 -3.62 1.50
N THR A 130 16.54 -3.37 1.39
CA THR A 130 17.26 -3.60 0.14
C THR A 130 18.37 -4.60 0.40
N LEU A 131 18.36 -5.71 -0.33
CA LEU A 131 19.47 -6.65 -0.31
C LEU A 131 20.34 -6.37 -1.53
N THR A 132 21.62 -6.12 -1.29
CA THR A 132 22.57 -5.89 -2.37
C THR A 132 23.17 -7.22 -2.77
N TYR A 133 22.86 -7.67 -3.99
CA TYR A 133 23.32 -8.95 -4.51
C TYR A 133 24.46 -8.67 -5.48
N SER A 134 25.64 -9.19 -5.18
CA SER A 134 26.80 -9.07 -6.08
CA SER A 134 26.78 -9.06 -6.08
C SER A 134 26.72 -10.17 -7.12
N ASN A 135 25.83 -9.98 -8.11
CA ASN A 135 25.68 -11.01 -9.13
C ASN A 135 26.98 -11.23 -9.89
N SER A 136 27.79 -10.18 -10.09
CA SER A 136 29.04 -10.36 -10.83
C SER A 136 30.00 -11.31 -10.12
N ASP A 137 29.94 -11.39 -8.79
CA ASP A 137 30.77 -12.37 -8.08
C ASP A 137 30.27 -13.78 -8.36
N MET A 138 28.94 -13.94 -8.48
CA MET A 138 28.35 -15.25 -8.71
C MET A 138 28.68 -15.75 -10.11
N ALA A 139 28.67 -14.85 -11.09
CA ALA A 139 29.13 -15.18 -12.44
C ALA A 139 29.65 -13.90 -13.06
N GLN A 140 30.92 -13.90 -13.43
N GLN A 140 30.92 -13.91 -13.43
CA GLN A 140 31.57 -12.70 -13.96
CA GLN A 140 31.59 -12.74 -13.99
C GLN A 140 31.04 -12.36 -15.34
C GLN A 140 30.97 -12.34 -15.33
N GLN A 141 31.10 -11.07 -15.68
CA GLN A 141 30.46 -10.55 -16.88
C GLN A 141 31.26 -9.38 -17.46
N ASN A 142 32.58 -9.56 -17.57
CA ASN A 142 33.40 -8.49 -18.15
C ASN A 142 33.34 -8.49 -19.67
N SER A 143 33.40 -9.67 -20.27
CA SER A 143 33.46 -9.84 -21.72
C SER A 143 33.35 -11.33 -22.01
N ALA A 144 33.55 -11.70 -23.27
CA ALA A 144 33.60 -13.11 -23.63
C ALA A 144 34.67 -13.85 -22.81
N SER A 145 35.69 -13.14 -22.33
CA SER A 145 36.74 -13.77 -21.53
C SER A 145 36.23 -14.33 -20.22
N SER A 146 35.05 -13.91 -19.77
CA SER A 146 34.55 -14.29 -18.45
C SER A 146 33.87 -15.66 -18.43
N ARG A 147 33.81 -16.36 -19.56
CA ARG A 147 33.04 -17.60 -19.65
C ARG A 147 33.46 -18.59 -18.59
N GLY A 148 32.48 -19.05 -17.81
CA GLY A 148 32.74 -20.07 -16.81
C GLY A 148 33.43 -19.58 -15.56
N GLN A 149 33.53 -18.27 -15.34
CA GLN A 149 34.20 -17.71 -14.18
C GLN A 149 33.17 -17.12 -13.22
N GLY A 150 33.39 -17.37 -11.93
CA GLY A 150 32.51 -16.91 -10.87
C GLY A 150 32.23 -17.96 -9.83
N LEU A 151 31.67 -17.56 -8.69
CA LEU A 151 31.42 -18.51 -7.60
C LEU A 151 30.58 -19.69 -8.08
N PHE A 152 29.55 -19.44 -8.88
CA PHE A 152 28.69 -20.54 -9.34
C PHE A 152 29.52 -21.65 -9.97
N TYR A 153 30.52 -21.28 -10.77
CA TYR A 153 31.35 -22.25 -11.48
C TYR A 153 32.40 -22.89 -10.58
N GLN A 154 32.74 -22.25 -9.45
CA GLN A 154 33.55 -22.90 -8.43
C GLN A 154 32.78 -23.99 -7.72
N LEU A 155 31.45 -24.01 -7.84
CA LEU A 155 30.64 -25.11 -7.33
C LEU A 155 30.32 -26.14 -8.39
N TYR A 156 29.87 -25.70 -9.57
CA TYR A 156 29.35 -26.59 -10.61
C TYR A 156 30.36 -26.92 -11.71
N GLY A 157 31.49 -26.23 -11.75
CA GLY A 157 32.49 -26.44 -12.79
C GLY A 157 32.46 -25.34 -13.83
N SER A 158 33.64 -24.94 -14.32
CA SER A 158 33.73 -23.86 -15.28
C SER A 158 33.13 -24.20 -16.66
N THR A 159 32.91 -25.49 -16.95
CA THR A 159 32.29 -25.88 -18.21
C THR A 159 30.80 -26.13 -18.09
N HIS A 160 30.22 -25.86 -16.92
CA HIS A 160 28.78 -26.01 -16.77
C HIS A 160 28.06 -25.10 -17.76
N SER A 161 26.94 -25.59 -18.30
CA SER A 161 26.30 -24.88 -19.41
C SER A 161 25.55 -23.63 -18.99
N ALA A 162 25.26 -23.44 -17.70
CA ALA A 162 24.54 -22.24 -17.30
C ALA A 162 25.21 -20.98 -17.82
N SER A 163 24.44 -20.11 -18.46
CA SER A 163 24.91 -18.78 -18.78
C SER A 163 25.18 -17.99 -17.49
N ALA A 164 25.84 -16.84 -17.62
CA ALA A 164 26.05 -16.03 -16.43
C ALA A 164 24.73 -15.65 -15.78
N MET A 165 23.71 -15.35 -16.60
CA MET A 165 22.44 -14.92 -16.02
C MET A 165 21.72 -16.05 -15.33
N THR A 166 21.84 -17.28 -15.86
CA THR A 166 21.26 -18.44 -15.19
C THR A 166 21.96 -18.70 -13.86
N ALA A 167 23.29 -18.57 -13.84
CA ALA A 167 24.02 -18.64 -12.57
C ALA A 167 23.53 -17.59 -11.60
N TRP A 168 23.29 -16.36 -12.07
CA TRP A 168 22.76 -15.34 -11.18
C TRP A 168 21.42 -15.75 -10.57
N VAL A 169 20.52 -16.30 -11.40
CA VAL A 169 19.22 -16.78 -10.89
C VAL A 169 19.42 -17.77 -9.77
N TRP A 170 20.28 -18.77 -10.01
CA TRP A 170 20.57 -19.77 -8.99
C TRP A 170 20.96 -19.10 -7.66
N GLY A 171 21.82 -18.07 -7.73
CA GLY A 171 22.19 -17.34 -6.53
C GLY A 171 21.01 -16.69 -5.83
N VAL A 172 20.10 -16.09 -6.61
CA VAL A 172 18.90 -15.50 -6.00
C VAL A 172 18.08 -16.57 -5.28
N SER A 173 17.95 -17.74 -5.91
CA SER A 173 17.19 -18.80 -5.28
C SER A 173 17.83 -19.22 -3.95
N ARG A 174 19.17 -19.26 -3.90
CA ARG A 174 19.84 -19.59 -2.64
C ARG A 174 19.65 -18.50 -1.60
N ILE A 175 19.64 -17.23 -2.03
CA ILE A 175 19.34 -16.13 -1.11
C ILE A 175 17.97 -16.31 -0.49
N ILE A 176 16.96 -16.62 -1.30
CA ILE A 176 15.63 -16.79 -0.73
C ILE A 176 15.57 -18.02 0.18
N ASP A 177 16.22 -19.13 -0.22
CA ASP A 177 16.34 -20.28 0.69
C ASP A 177 16.90 -19.83 2.03
N ALA A 178 17.98 -19.05 1.98
CA ALA A 178 18.61 -18.60 3.21
C ALA A 178 17.67 -17.75 4.04
N LEU A 179 16.95 -16.82 3.41
CA LEU A 179 16.02 -15.99 4.16
C LEU A 179 14.92 -16.82 4.81
N GLU A 180 14.43 -17.85 4.11
CA GLU A 180 13.35 -18.67 4.64
C GLU A 180 13.78 -19.50 5.84
N MET A 181 15.08 -19.72 6.04
CA MET A 181 15.57 -20.45 7.19
C MET A 181 16.20 -19.55 8.25
N THR A 182 16.09 -18.23 8.10
CA THR A 182 16.78 -17.27 8.98
C THR A 182 15.79 -16.24 9.49
N PRO A 183 14.99 -16.59 10.48
CA PRO A 183 13.99 -15.63 11.00
C PRO A 183 14.60 -14.36 11.57
N THR A 184 15.83 -14.41 12.08
CA THR A 184 16.42 -13.19 12.63
C THR A 184 16.72 -12.14 11.57
N ALA A 185 16.69 -12.50 10.29
CA ALA A 185 16.83 -11.49 9.24
C ALA A 185 15.59 -10.62 9.13
N GLN A 186 14.47 -11.02 9.72
CA GLN A 186 13.27 -10.19 9.82
C GLN A 186 12.74 -9.75 8.46
N ILE A 187 12.74 -10.68 7.49
CA ILE A 187 12.25 -10.42 6.14
C ILE A 187 10.95 -11.18 5.93
N ASN A 188 9.96 -10.51 5.34
CA ASN A 188 8.74 -11.15 4.89
C ASN A 188 9.05 -11.81 3.55
N THR A 189 9.29 -13.12 3.57
CA THR A 189 9.70 -13.79 2.34
C THR A 189 8.56 -13.97 1.35
N GLN A 190 7.33 -13.62 1.74
CA GLN A 190 6.21 -13.56 0.80
CA GLN A 190 6.22 -13.56 0.79
C GLN A 190 6.13 -12.22 0.08
N ARG A 191 7.02 -11.28 0.38
CA ARG A 191 7.00 -9.95 -0.23
C ARG A 191 8.41 -9.56 -0.65
N ILE A 192 8.96 -10.34 -1.58
CA ILE A 192 10.30 -10.13 -2.12
C ILE A 192 10.18 -9.69 -3.59
N GLY A 193 10.86 -8.59 -3.92
CA GLY A 193 10.99 -8.15 -5.29
C GLY A 193 12.44 -8.27 -5.76
N VAL A 194 12.65 -8.05 -7.05
CA VAL A 194 13.98 -8.10 -7.65
C VAL A 194 14.10 -6.96 -8.65
N THR A 195 15.28 -6.35 -8.72
CA THR A 195 15.49 -5.26 -9.68
C THR A 195 16.95 -5.22 -10.10
N GLY A 196 17.18 -4.58 -11.24
CA GLY A 196 18.53 -4.27 -11.69
C GLY A 196 18.39 -3.43 -12.95
N CYS A 197 19.49 -2.78 -13.30
CA CYS A 197 19.52 -1.90 -14.47
C CYS A 197 20.53 -2.41 -15.50
N ALA A 198 20.22 -2.19 -16.77
CA ALA A 198 21.13 -2.45 -17.88
C ALA A 198 21.45 -3.95 -17.90
N ARG A 199 22.71 -4.36 -17.96
CA ARG A 199 23.01 -5.78 -17.92
C ARG A 199 22.39 -6.45 -16.69
N ASP A 200 22.36 -5.73 -15.57
CA ASP A 200 21.74 -6.29 -14.37
C ASP A 200 20.22 -6.30 -14.44
N GLY A 201 19.64 -5.52 -15.35
CA GLY A 201 18.21 -5.60 -15.65
C GLY A 201 17.85 -6.81 -16.49
N LYS A 202 18.73 -7.18 -17.43
CA LYS A 202 18.58 -8.48 -18.08
C LYS A 202 18.58 -9.57 -17.01
N GLY A 203 19.49 -9.45 -16.04
CA GLY A 203 19.54 -10.45 -14.98
C GLY A 203 18.30 -10.48 -14.12
N ALA A 204 17.78 -9.31 -13.75
CA ALA A 204 16.61 -9.27 -12.90
C ALA A 204 15.39 -9.87 -13.58
N LEU A 205 15.24 -9.65 -14.89
CA LEU A 205 14.13 -10.29 -15.61
C LEU A 205 14.26 -11.81 -15.55
N MET A 206 15.47 -12.31 -15.79
CA MET A 206 15.69 -13.76 -15.66
C MET A 206 15.31 -14.28 -14.27
N ALA A 207 15.70 -13.55 -13.23
CA ALA A 207 15.41 -14.00 -11.87
C ALA A 207 13.90 -14.07 -11.63
N GLY A 208 13.17 -13.03 -11.98
CA GLY A 208 11.73 -13.05 -11.77
C GLY A 208 11.05 -14.12 -12.60
N ALA A 209 11.55 -14.36 -13.82
CA ALA A 209 10.95 -15.37 -14.67
C ALA A 209 11.10 -16.76 -14.07
N PHE A 210 12.31 -17.11 -13.59
CA PHE A 210 12.63 -18.47 -13.22
C PHE A 210 12.41 -18.79 -11.73
N GLU A 211 12.41 -17.79 -10.86
CA GLU A 211 12.31 -18.01 -9.41
C GLU A 211 10.92 -17.53 -8.96
N GLU A 212 10.01 -18.48 -8.76
CA GLU A 212 8.60 -18.15 -8.54
C GLU A 212 8.32 -17.57 -7.16
N ARG A 213 9.28 -17.54 -6.24
CA ARG A 213 9.05 -16.87 -4.97
C ARG A 213 9.23 -15.35 -5.06
N ILE A 214 9.52 -14.81 -6.24
CA ILE A 214 9.64 -13.36 -6.40
C ILE A 214 8.27 -12.78 -6.72
N ALA A 215 7.77 -11.91 -5.82
CA ALA A 215 6.44 -11.35 -5.96
C ALA A 215 6.39 -10.19 -6.98
N LEU A 216 7.49 -9.48 -7.18
CA LEU A 216 7.50 -8.32 -8.08
C LEU A 216 8.85 -8.23 -8.76
N THR A 217 8.85 -8.17 -10.08
CA THR A 217 10.07 -8.10 -10.88
C THR A 217 10.13 -6.73 -11.55
N ILE A 218 11.29 -6.08 -11.46
CA ILE A 218 11.45 -4.70 -11.94
C ILE A 218 12.71 -4.55 -12.79
N PRO A 219 12.69 -4.95 -14.06
CA PRO A 219 13.86 -4.73 -14.93
C PRO A 219 13.87 -3.30 -15.46
N GLN A 220 15.03 -2.66 -15.38
CA GLN A 220 15.19 -1.25 -15.72
C GLN A 220 16.16 -1.13 -16.88
N GLU A 221 15.70 -0.58 -18.01
CA GLU A 221 16.54 -0.35 -19.19
C GLU A 221 17.39 -1.57 -19.53
N SER A 222 16.72 -2.73 -19.65
CA SER A 222 17.41 -4.00 -19.84
C SER A 222 17.78 -4.28 -21.29
N GLY A 223 17.05 -3.69 -22.25
CA GLY A 223 17.45 -3.76 -23.65
C GLY A 223 17.50 -5.16 -24.24
N SER A 224 18.41 -5.33 -25.20
CA SER A 224 18.54 -6.60 -25.91
C SER A 224 18.99 -7.69 -24.95
N GLY A 225 18.34 -8.86 -25.02
CA GLY A 225 18.59 -9.88 -24.04
C GLY A 225 17.84 -9.70 -22.75
N GLY A 226 17.08 -8.61 -22.62
CA GLY A 226 16.20 -8.34 -21.50
C GLY A 226 14.77 -8.33 -21.99
N ASP A 227 14.08 -7.21 -21.86
CA ASP A 227 12.68 -7.14 -22.27
C ASP A 227 12.50 -6.85 -23.77
N ALA A 228 13.56 -6.86 -24.57
CA ALA A 228 13.43 -6.85 -26.03
C ALA A 228 13.39 -8.29 -26.55
N CYS A 229 12.80 -8.46 -27.74
CA CYS A 229 12.76 -9.76 -28.40
C CYS A 229 13.85 -9.86 -29.45
N TRP A 230 14.41 -11.07 -29.61
CA TRP A 230 15.46 -11.28 -30.61
C TRP A 230 14.95 -10.98 -32.02
N ARG A 231 13.78 -11.51 -32.36
CA ARG A 231 13.28 -11.35 -33.73
C ARG A 231 13.04 -9.88 -34.05
N LEU A 232 12.48 -9.12 -33.10
CA LEU A 232 12.19 -7.72 -33.38
C LEU A 232 13.48 -6.91 -33.49
N SER A 233 14.49 -7.25 -32.67
CA SER A 233 15.77 -6.54 -32.77
C SER A 233 16.48 -6.82 -34.08
N LYS A 234 16.35 -8.04 -34.62
CA LYS A 234 16.91 -8.32 -35.95
C LYS A 234 16.22 -7.46 -37.00
N TYR A 235 14.90 -7.31 -36.90
CA TYR A 235 14.19 -6.41 -37.79
C TYR A 235 14.72 -4.99 -37.68
N GLU A 236 14.94 -4.52 -36.45
CA GLU A 236 15.46 -3.16 -36.26
C GLU A 236 16.84 -3.00 -36.90
N ILE A 237 17.75 -3.94 -36.65
CA ILE A 237 19.11 -3.76 -37.15
C ILE A 237 19.15 -3.83 -38.67
N ASP A 238 18.31 -4.69 -39.26
CA ASP A 238 18.26 -4.78 -40.72
C ASP A 238 17.73 -3.51 -41.35
N ASN A 239 16.97 -2.71 -40.60
CA ASN A 239 16.38 -1.48 -41.13
C ASN A 239 17.09 -0.23 -40.64
N GLY A 240 18.31 -0.39 -40.11
CA GLY A 240 19.18 0.74 -39.93
C GLY A 240 19.21 1.34 -38.55
N ASN A 241 18.41 0.85 -37.60
CA ASN A 241 18.58 1.28 -36.22
C ASN A 241 19.81 0.60 -35.65
N GLN A 242 20.62 1.36 -34.91
CA GLN A 242 21.88 0.83 -34.37
CA GLN A 242 21.88 0.83 -34.37
C GLN A 242 21.62 0.20 -33.01
N VAL A 243 20.94 -0.95 -33.06
CA VAL A 243 20.53 -1.69 -31.88
C VAL A 243 21.53 -2.79 -31.57
N GLN A 244 21.52 -3.22 -30.31
CA GLN A 244 22.13 -4.48 -29.93
C GLN A 244 21.22 -5.61 -30.38
N ASP A 245 21.82 -6.69 -30.88
CA ASP A 245 21.05 -7.81 -31.38
C ASP A 245 21.71 -9.12 -30.95
N ALA A 246 21.02 -10.24 -31.25
CA ALA A 246 21.51 -11.54 -30.82
C ALA A 246 22.92 -11.82 -31.34
N VAL A 247 23.20 -11.44 -32.59
CA VAL A 247 24.51 -11.75 -33.16
C VAL A 247 25.61 -11.03 -32.39
N GLU A 248 25.41 -9.75 -32.08
CA GLU A 248 26.46 -9.03 -31.38
C GLU A 248 26.57 -9.46 -29.93
N ILE A 249 25.43 -9.75 -29.28
CA ILE A 249 25.45 -9.88 -27.84
C ILE A 249 26.24 -11.10 -27.41
N VAL A 250 26.19 -12.18 -28.19
CA VAL A 250 26.88 -13.41 -27.79
C VAL A 250 28.40 -13.25 -27.91
N GLY A 251 28.87 -12.27 -28.68
CA GLY A 251 30.29 -12.03 -28.76
C GLY A 251 30.75 -11.03 -27.73
N GLU A 252 29.81 -10.25 -27.18
CA GLU A 252 30.16 -9.19 -26.24
C GLU A 252 30.33 -9.69 -24.82
N ASN A 253 29.64 -10.75 -24.43
CA ASN A 253 29.63 -11.12 -23.02
C ASN A 253 29.16 -12.57 -22.92
N VAL A 254 28.87 -13.00 -21.70
CA VAL A 254 28.57 -14.39 -21.37
C VAL A 254 27.18 -14.50 -20.74
N TRP A 255 26.29 -13.56 -21.10
CA TRP A 255 24.94 -13.57 -20.54
C TRP A 255 24.08 -14.72 -21.07
N PHE A 256 24.51 -15.38 -22.15
CA PHE A 256 23.77 -16.49 -22.74
C PHE A 256 24.68 -17.72 -22.83
N SER A 257 24.05 -18.88 -23.00
CA SER A 257 24.81 -20.12 -23.09
C SER A 257 25.60 -20.13 -24.39
N THR A 258 26.65 -20.96 -24.40
CA THR A 258 27.41 -21.08 -25.64
C THR A 258 26.55 -21.71 -26.75
N ASN A 259 25.57 -22.53 -26.38
CA ASN A 259 24.70 -23.13 -27.38
C ASN A 259 23.93 -22.06 -28.16
N PHE A 260 23.62 -20.92 -27.55
CA PHE A 260 22.87 -19.89 -28.26
C PHE A 260 23.60 -19.43 -29.51
N ASN A 261 24.94 -19.50 -29.50
CA ASN A 261 25.71 -19.12 -30.68
C ASN A 261 25.26 -19.87 -31.92
N ASN A 262 24.72 -21.08 -31.76
CA ASN A 262 24.27 -21.88 -32.90
C ASN A 262 22.97 -21.38 -33.50
N TYR A 263 22.30 -20.44 -32.83
CA TYR A 263 20.98 -19.99 -33.24
C TYR A 263 20.90 -18.51 -33.58
N VAL A 264 21.94 -17.72 -33.28
CA VAL A 264 21.79 -16.27 -33.40
C VAL A 264 21.60 -15.82 -34.84
N GLN A 265 22.07 -16.60 -35.82
CA GLN A 265 21.86 -16.30 -37.23
C GLN A 265 20.63 -17.01 -37.80
N LYS A 266 19.91 -17.74 -36.95
CA LYS A 266 18.77 -18.55 -37.37
C LYS A 266 17.64 -18.39 -36.37
N LEU A 267 17.36 -17.13 -35.99
CA LEU A 267 16.37 -16.89 -34.96
C LEU A 267 14.98 -17.48 -35.24
N PRO A 268 14.50 -17.54 -36.48
CA PRO A 268 13.18 -18.13 -36.70
C PRO A 268 13.08 -19.57 -36.25
N THR A 269 14.21 -20.30 -36.16
CA THR A 269 14.18 -21.69 -35.72
C THR A 269 14.13 -21.85 -34.21
N VAL A 270 14.24 -20.76 -33.44
CA VAL A 270 14.22 -20.82 -31.99
C VAL A 270 12.77 -20.80 -31.53
N PRO A 271 12.29 -21.84 -30.85
CA PRO A 271 10.85 -21.93 -30.52
C PRO A 271 10.48 -21.17 -29.25
N GLU A 272 11.14 -20.03 -29.05
CA GLU A 272 10.81 -19.10 -27.98
C GLU A 272 11.34 -17.73 -28.38
N ASP A 273 10.85 -16.71 -27.69
CA ASP A 273 11.50 -15.41 -27.70
C ASP A 273 11.29 -14.79 -26.33
N HIS A 274 11.79 -13.57 -26.15
CA HIS A 274 11.76 -13.00 -24.81
C HIS A 274 10.37 -12.57 -24.35
N HIS A 275 9.37 -12.56 -25.24
CA HIS A 275 8.01 -12.38 -24.75
C HIS A 275 7.58 -13.58 -23.91
N LEU A 276 8.06 -14.77 -24.26
CA LEU A 276 7.79 -15.96 -23.46
C LEU A 276 8.61 -15.94 -22.17
N LEU A 277 9.84 -15.45 -22.22
CA LEU A 277 10.63 -15.28 -21.00
C LEU A 277 9.91 -14.37 -20.02
N ALA A 278 9.47 -13.19 -20.49
CA ALA A 278 8.74 -12.30 -19.60
C ALA A 278 7.47 -12.96 -19.08
N ALA A 279 6.74 -13.67 -19.95
CA ALA A 279 5.49 -14.30 -19.54
C ALA A 279 5.69 -15.34 -18.44
N MET A 280 6.90 -15.90 -18.31
CA MET A 280 7.17 -16.82 -17.22
C MET A 280 6.95 -16.18 -15.85
N VAL A 281 6.98 -14.84 -15.75
CA VAL A 281 6.66 -14.19 -14.48
C VAL A 281 5.19 -14.42 -14.13
N ALA A 282 4.31 -14.48 -15.12
CA ALA A 282 2.89 -14.64 -14.83
C ALA A 282 2.65 -15.95 -14.09
N PRO A 283 1.73 -15.99 -13.12
CA PRO A 283 0.77 -14.93 -12.75
C PRO A 283 1.25 -13.93 -11.71
N ARG A 284 2.55 -13.84 -11.48
CA ARG A 284 3.11 -12.85 -10.56
C ARG A 284 3.25 -11.50 -11.27
N ALA A 285 3.77 -10.51 -10.56
CA ALA A 285 3.74 -9.14 -11.04
C ALA A 285 5.10 -8.71 -11.59
N MET A 286 5.06 -7.85 -12.61
CA MET A 286 6.28 -7.27 -13.16
CA MET A 286 6.27 -7.29 -13.19
C MET A 286 5.94 -5.94 -13.82
N ILE A 287 6.81 -4.96 -13.61
CA ILE A 287 6.82 -3.74 -14.41
C ILE A 287 8.25 -3.52 -14.90
N SER A 288 8.41 -3.32 -16.20
CA SER A 288 9.72 -2.99 -16.74
C SER A 288 9.69 -1.59 -17.33
N PHE A 289 10.87 -0.96 -17.33
CA PHE A 289 11.02 0.44 -17.71
C PHE A 289 12.06 0.54 -18.83
N GLU A 290 11.75 1.31 -19.86
CA GLU A 290 12.69 1.46 -20.97
C GLU A 290 12.88 2.93 -21.32
N ASN A 291 13.94 3.16 -22.09
CA ASN A 291 14.43 4.50 -22.40
C ASN A 291 14.66 4.56 -23.90
N THR A 292 13.94 5.46 -24.58
CA THR A 292 14.06 5.56 -26.03
C THR A 292 15.23 6.41 -26.50
N ASP A 293 15.98 7.02 -25.58
CA ASP A 293 17.11 7.84 -26.00
C ASP A 293 18.23 7.01 -26.62
N TYR A 294 18.31 5.71 -26.30
CA TYR A 294 19.43 4.87 -26.68
C TYR A 294 18.95 3.77 -27.63
N LEU A 295 19.20 3.95 -28.92
CA LEU A 295 18.81 2.92 -29.87
C LEU A 295 19.46 1.57 -29.57
N TRP A 296 20.61 1.57 -28.89
CA TRP A 296 21.24 0.31 -28.51
C TRP A 296 20.29 -0.60 -27.74
N LEU A 297 19.40 0.00 -26.94
CA LEU A 297 18.44 -0.76 -26.14
C LEU A 297 17.35 -1.41 -26.98
N SER A 298 17.24 -1.10 -28.27
CA SER A 298 16.24 -1.67 -29.17
C SER A 298 14.81 -1.29 -28.75
N PRO A 299 14.47 0.00 -28.82
CA PRO A 299 13.17 0.44 -28.23
C PRO A 299 11.92 -0.21 -28.79
N MET A 300 11.75 -0.24 -30.12
CA MET A 300 10.55 -0.89 -30.67
C MET A 300 10.47 -2.33 -30.21
N SER A 301 11.61 -3.01 -30.18
CA SER A 301 11.61 -4.42 -29.81
C SER A 301 11.07 -4.62 -28.40
N SER A 302 11.46 -3.76 -27.46
CA SER A 302 10.93 -3.89 -26.10
C SER A 302 9.42 -3.66 -26.06
N PHE A 303 8.93 -2.63 -26.75
CA PHE A 303 7.49 -2.39 -26.73
C PHE A 303 6.73 -3.55 -27.35
N GLY A 304 7.19 -4.03 -28.51
CA GLY A 304 6.51 -5.15 -29.15
C GLY A 304 6.60 -6.42 -28.31
N CYS A 305 7.78 -6.69 -27.77
CA CYS A 305 7.98 -7.89 -26.96
C CYS A 305 7.08 -7.87 -25.73
N MET A 306 7.02 -6.72 -25.05
CA MET A 306 6.19 -6.65 -23.85
C MET A 306 4.71 -6.63 -24.17
N THR A 307 4.31 -6.03 -25.30
CA THR A 307 2.94 -6.15 -25.76
C THR A 307 2.56 -7.60 -26.00
N ALA A 308 3.46 -8.38 -26.62
CA ALA A 308 3.18 -9.80 -26.82
C ALA A 308 3.13 -10.54 -25.49
N ALA A 309 4.07 -10.26 -24.58
CA ALA A 309 4.07 -10.94 -23.28
C ALA A 309 2.80 -10.60 -22.52
N HIS A 310 2.33 -9.37 -22.66
CA HIS A 310 1.16 -8.90 -21.93
C HIS A 310 -0.07 -9.77 -22.22
N THR A 311 -0.15 -10.35 -23.42
CA THR A 311 -1.32 -11.17 -23.75
C THR A 311 -1.48 -12.35 -22.80
N VAL A 312 -0.38 -12.84 -22.23
CA VAL A 312 -0.50 -13.93 -21.25
C VAL A 312 -1.22 -13.46 -20.00
N TRP A 313 -0.81 -12.33 -19.43
CA TRP A 313 -1.54 -11.78 -18.29
C TRP A 313 -2.99 -11.45 -18.66
N GLN A 314 -3.22 -10.92 -19.86
CA GLN A 314 -4.60 -10.67 -20.31
C GLN A 314 -5.40 -11.97 -20.35
N GLY A 315 -4.81 -13.03 -20.92
CA GLY A 315 -5.50 -14.31 -20.99
C GLY A 315 -5.78 -14.91 -19.63
N LEU A 316 -4.94 -14.60 -18.64
CA LEU A 316 -5.13 -15.05 -17.27
C LEU A 316 -6.07 -14.16 -16.46
N GLY A 317 -6.58 -13.08 -17.05
CA GLY A 317 -7.49 -12.20 -16.35
C GLY A 317 -6.83 -11.28 -15.35
N ILE A 318 -5.53 -11.01 -15.51
CA ILE A 318 -4.77 -10.22 -14.54
C ILE A 318 -3.84 -9.26 -15.29
N ALA A 319 -4.40 -8.56 -16.28
CA ALA A 319 -3.59 -7.65 -17.10
C ALA A 319 -2.85 -6.63 -16.25
N ASP A 320 -3.47 -6.14 -15.18
CA ASP A 320 -2.88 -5.08 -14.35
CA ASP A 320 -2.83 -5.07 -14.40
C ASP A 320 -1.71 -5.57 -13.50
N SER A 321 -1.38 -6.86 -13.53
CA SER A 321 -0.18 -7.32 -12.84
C SER A 321 1.08 -7.13 -13.67
N HIS A 322 0.95 -6.69 -14.92
CA HIS A 322 2.09 -6.53 -15.82
C HIS A 322 2.06 -5.11 -16.38
N GLY A 323 3.14 -4.37 -16.11
CA GLY A 323 3.25 -3.00 -16.57
C GLY A 323 4.46 -2.79 -17.45
N PHE A 324 4.40 -1.75 -18.27
CA PHE A 324 5.52 -1.36 -19.12
C PHE A 324 5.45 0.15 -19.27
N ALA A 325 6.57 0.83 -19.04
CA ALA A 325 6.63 2.29 -19.22
C ALA A 325 7.92 2.62 -19.95
N GLN A 326 7.79 3.30 -21.09
CA GLN A 326 8.90 3.59 -21.97
C GLN A 326 8.85 5.07 -22.33
N VAL A 327 9.92 5.80 -21.97
CA VAL A 327 10.00 7.25 -22.12
C VAL A 327 11.40 7.58 -22.61
N GLY A 328 11.61 8.86 -22.93
CA GLY A 328 12.93 9.35 -23.26
C GLY A 328 13.32 10.50 -22.37
N GLY A 329 14.45 11.14 -22.68
CA GLY A 329 14.81 12.37 -22.01
C GLY A 329 15.57 12.21 -20.71
N HIS A 330 16.34 11.14 -20.54
CA HIS A 330 17.17 10.99 -19.35
C HIS A 330 18.33 10.05 -19.64
N ALA A 331 19.38 10.17 -18.84
CA ALA A 331 20.56 9.34 -19.02
C ALA A 331 20.28 7.88 -18.69
N HIS A 332 21.04 6.99 -19.31
CA HIS A 332 20.89 5.56 -19.09
C HIS A 332 21.10 5.23 -17.61
N CYS A 333 20.10 4.59 -17.02
CA CYS A 333 20.08 4.16 -15.63
C CYS A 333 19.90 5.30 -14.64
N ALA A 334 19.74 6.54 -15.10
CA ALA A 334 19.24 7.59 -14.24
C ALA A 334 17.74 7.43 -14.12
N TRP A 335 17.22 7.58 -12.90
CA TRP A 335 15.78 7.38 -12.70
C TRP A 335 15.04 8.69 -12.94
N PRO A 336 14.09 8.73 -13.89
CA PRO A 336 13.31 9.97 -14.08
C PRO A 336 12.17 10.04 -13.08
N SER A 337 12.04 11.19 -12.42
CA SER A 337 10.99 11.33 -11.41
C SER A 337 9.59 11.19 -12.00
N SER A 338 9.45 11.40 -13.32
CA SER A 338 8.12 11.27 -13.93
C SER A 338 7.59 9.85 -13.85
N LEU A 339 8.45 8.84 -13.70
CA LEU A 339 8.02 7.45 -13.61
C LEU A 339 7.89 6.96 -12.17
N THR A 340 8.21 7.80 -11.19
CA THR A 340 8.11 7.34 -9.81
C THR A 340 6.70 6.91 -9.43
N PRO A 341 5.63 7.58 -9.84
CA PRO A 341 4.29 7.11 -9.45
C PRO A 341 4.00 5.70 -9.95
N GLN A 342 4.47 5.38 -11.16
CA GLN A 342 4.22 4.06 -11.74
C GLN A 342 5.02 2.98 -11.00
N LEU A 343 6.30 3.25 -10.76
CA LEU A 343 7.11 2.35 -9.95
C LEU A 343 6.48 2.12 -8.58
N ASN A 344 6.12 3.21 -7.91
CA ASN A 344 5.58 3.08 -6.56
C ASN A 344 4.24 2.38 -6.56
N ALA A 345 3.44 2.53 -7.62
CA ALA A 345 2.18 1.82 -7.67
C ALA A 345 2.40 0.32 -7.59
N PHE A 346 3.35 -0.19 -8.37
CA PHE A 346 3.65 -1.62 -8.34
C PHE A 346 4.25 -2.05 -7.01
N ILE A 347 5.18 -1.27 -6.47
CA ILE A 347 5.75 -1.64 -5.17
C ILE A 347 4.68 -1.58 -4.10
N ASN A 348 3.86 -0.53 -4.10
CA ASN A 348 2.85 -0.36 -3.07
C ASN A 348 1.84 -1.50 -3.11
N ARG A 349 1.39 -1.89 -4.31
CA ARG A 349 0.40 -2.96 -4.41
C ARG A 349 1.01 -4.32 -4.09
N PHE A 350 2.14 -4.65 -4.71
CA PHE A 350 2.60 -6.05 -4.70
C PHE A 350 3.60 -6.35 -3.59
N LEU A 351 4.25 -5.33 -3.01
CA LEU A 351 5.11 -5.56 -1.86
C LEU A 351 4.57 -4.98 -0.56
N LEU A 352 3.76 -3.91 -0.61
CA LEU A 352 3.28 -3.24 0.59
C LEU A 352 1.79 -3.45 0.86
N ASP A 353 1.10 -4.22 0.03
CA ASP A 353 -0.29 -4.61 0.26
C ASP A 353 -1.26 -3.43 0.23
N GLN A 354 -0.92 -2.37 -0.49
CA GLN A 354 -1.84 -1.24 -0.66
C GLN A 354 -2.77 -1.49 -1.83
N SER A 355 -3.89 -0.76 -1.83
CA SER A 355 -4.87 -0.79 -2.91
C SER A 355 -4.49 0.16 -4.04
N ALA A 356 -3.26 0.08 -4.52
CA ALA A 356 -2.83 0.94 -5.61
C ALA A 356 -3.26 0.33 -6.94
N THR A 357 -3.65 1.18 -7.88
CA THR A 357 -3.95 0.71 -9.22
C THR A 357 -2.68 0.65 -10.04
N THR A 358 -2.58 -0.37 -10.88
CA THR A 358 -1.33 -0.69 -11.57
C THR A 358 -1.55 -0.88 -13.05
N ASN A 359 -2.46 -0.12 -13.65
CA ASN A 359 -2.68 -0.11 -15.10
C ASN A 359 -1.65 0.83 -15.70
N VAL A 360 -0.53 0.29 -16.17
CA VAL A 360 0.59 1.06 -16.70
C VAL A 360 1.08 0.34 -17.95
N PHE A 361 0.80 0.92 -19.12
CA PHE A 361 1.32 0.33 -20.36
C PHE A 361 1.42 1.48 -21.36
N THR A 362 2.59 2.10 -21.41
CA THR A 362 2.75 3.36 -22.11
CA THR A 362 2.75 3.36 -22.11
C THR A 362 4.08 3.42 -22.82
N THR A 363 4.08 4.04 -24.00
CA THR A 363 5.29 4.33 -24.75
C THR A 363 5.09 5.66 -25.44
N ASN A 364 6.21 6.28 -25.82
CA ASN A 364 6.20 7.48 -26.65
C ASN A 364 6.29 7.16 -28.14
N ASN A 365 6.41 5.88 -28.51
CA ASN A 365 6.46 5.45 -29.91
C ASN A 365 7.66 6.00 -30.65
N GLN A 366 8.69 6.46 -29.95
CA GLN A 366 9.89 7.00 -30.61
CA GLN A 366 9.91 7.01 -30.58
C GLN A 366 10.83 5.84 -30.90
N PHE A 367 10.61 5.21 -32.05
CA PHE A 367 11.28 3.97 -32.40
C PHE A 367 12.30 4.11 -33.53
N GLY A 368 12.57 5.32 -33.98
CA GLY A 368 13.58 5.51 -35.01
C GLY A 368 13.09 5.07 -36.38
N LYS A 369 13.88 4.24 -37.04
CA LYS A 369 13.66 3.92 -38.46
C LYS A 369 12.64 2.80 -38.66
N VAL A 370 12.01 2.30 -37.60
CA VAL A 370 10.97 1.28 -37.72
C VAL A 370 9.73 1.75 -36.98
N GLN A 371 8.64 1.06 -37.26
CA GLN A 371 7.41 1.21 -36.48
C GLN A 371 7.02 -0.15 -35.92
N TRP A 372 6.18 -0.13 -34.89
CA TRP A 372 5.57 -1.34 -34.36
C TRP A 372 4.25 -1.58 -35.10
N ASN A 373 4.13 -2.74 -35.73
CA ASN A 373 2.89 -3.15 -36.38
C ASN A 373 2.54 -4.51 -35.78
N ALA A 374 1.57 -4.52 -34.87
CA ALA A 374 1.29 -5.74 -34.12
C ALA A 374 0.90 -6.89 -35.04
N ALA A 375 0.16 -6.61 -36.11
CA ALA A 375 -0.26 -7.67 -37.02
C ALA A 375 0.92 -8.34 -37.71
N ASN A 376 2.07 -7.68 -37.80
CA ASN A 376 3.22 -8.30 -38.44
C ASN A 376 4.01 -9.20 -37.49
N TRP A 377 3.61 -9.28 -36.21
CA TRP A 377 4.43 -10.00 -35.25
C TRP A 377 3.62 -10.94 -34.36
N ILE A 378 2.39 -10.56 -34.04
CA ILE A 378 1.54 -11.32 -33.13
C ILE A 378 0.42 -11.91 -33.98
N THR A 379 0.39 -13.24 -34.07
CA THR A 379 -0.62 -13.89 -34.91
C THR A 379 -1.71 -14.55 -34.10
N TRP A 380 -1.56 -14.67 -32.78
CA TRP A 380 -2.52 -15.39 -31.97
C TRP A 380 -3.61 -14.46 -31.45
N THR A 381 -4.75 -15.05 -31.16
CA THR A 381 -5.86 -14.38 -30.52
C THR A 381 -5.87 -14.81 -29.05
N THR A 382 -5.86 -13.83 -28.15
CA THR A 382 -5.71 -14.15 -26.74
C THR A 382 -6.94 -14.88 -26.21
N PRO A 383 -6.81 -16.12 -25.70
CA PRO A 383 -7.96 -16.81 -25.13
C PRO A 383 -8.25 -16.32 -23.72
N THR A 384 -9.49 -16.56 -23.29
CA THR A 384 -9.87 -16.34 -21.90
C THR A 384 -9.68 -17.66 -21.19
N LEU A 385 -8.53 -17.81 -20.53
CA LEU A 385 -8.22 -19.07 -19.86
C LEU A 385 -9.17 -19.27 -18.68
N THR A 386 -9.68 -20.49 -18.55
CA THR A 386 -10.77 -20.77 -17.62
C THR A 386 -10.25 -21.23 -16.27
N GLU B 1 -24.24 -12.56 7.38
CA GLU B 1 -23.80 -13.91 7.03
C GLU B 1 -22.55 -14.30 7.81
N ALA B 2 -22.30 -15.61 7.89
CA ALA B 2 -21.10 -16.14 8.54
C ALA B 2 -21.03 -15.74 10.01
N GLU B 3 -22.19 -15.60 10.65
CA GLU B 3 -22.21 -15.24 12.07
C GLU B 3 -21.50 -16.30 12.92
N ALA B 4 -21.61 -17.57 12.54
CA ALA B 4 -20.95 -18.61 13.31
C ALA B 4 -19.45 -18.38 13.41
N GLU B 5 -18.86 -17.75 12.40
CA GLU B 5 -17.42 -17.52 12.36
C GLU B 5 -17.01 -16.14 12.84
N PHE B 6 -17.83 -15.12 12.60
CA PHE B 6 -17.45 -13.75 12.91
C PHE B 6 -18.23 -13.15 14.08
N GLY B 7 -19.28 -13.81 14.56
CA GLY B 7 -20.12 -13.25 15.59
C GLY B 7 -21.35 -12.58 15.02
N ALA B 8 -22.05 -11.87 15.92
CA ALA B 8 -23.41 -11.41 15.63
C ALA B 8 -23.47 -10.49 14.42
N CYS B 9 -22.40 -9.74 14.13
CA CYS B 9 -22.45 -8.83 12.99
C CYS B 9 -21.98 -9.46 11.69
N GLY B 10 -21.62 -10.74 11.70
CA GLY B 10 -21.32 -11.43 10.46
C GLY B 10 -20.09 -10.89 9.76
N ALA B 11 -20.03 -11.18 8.47
CA ALA B 11 -18.85 -10.85 7.65
C ALA B 11 -18.96 -9.42 7.10
N ILE B 12 -18.80 -8.46 8.02
CA ILE B 12 -18.79 -7.06 7.63
C ILE B 12 -17.72 -6.82 6.57
N ALA B 13 -18.03 -5.94 5.63
CA ALA B 13 -17.11 -5.68 4.53
C ALA B 13 -16.01 -4.70 4.97
N SER B 14 -14.78 -4.97 4.53
CA SER B 14 -13.70 -3.99 4.63
CA SER B 14 -13.69 -4.01 4.63
C SER B 14 -13.41 -3.30 3.31
N THR B 15 -13.91 -3.83 2.19
CA THR B 15 -13.78 -3.20 0.89
C THR B 15 -15.07 -3.39 0.12
N VAL B 16 -15.30 -2.50 -0.84
CA VAL B 16 -16.41 -2.61 -1.78
C VAL B 16 -15.83 -2.35 -3.16
N PRO B 17 -15.30 -3.36 -3.84
CA PRO B 17 -14.43 -3.10 -5.00
C PRO B 17 -15.11 -2.40 -6.18
N ASN B 18 -16.41 -2.63 -6.41
CA ASN B 18 -17.06 -2.05 -7.58
CA ASN B 18 -17.14 -2.11 -7.55
C ASN B 18 -17.84 -0.79 -7.25
N TYR B 19 -17.60 -0.18 -6.10
CA TYR B 19 -18.36 1.00 -5.71
C TYR B 19 -18.03 2.18 -6.60
N ASN B 20 -19.06 2.95 -6.96
CA ASN B 20 -18.83 4.12 -7.80
C ASN B 20 -20.09 5.00 -7.67
N ASN B 21 -20.02 5.95 -6.74
CA ASN B 21 -21.17 6.79 -6.39
C ASN B 21 -20.65 8.20 -6.17
N ALA B 22 -21.03 9.12 -7.05
CA ALA B 22 -20.62 10.52 -6.93
C ALA B 22 -21.31 11.23 -5.78
N LYS B 23 -22.48 10.76 -5.36
CA LYS B 23 -23.20 11.33 -4.25
C LYS B 23 -22.76 10.64 -2.95
N LEU B 24 -23.37 11.04 -1.83
CA LEU B 24 -22.90 10.54 -0.52
C LEU B 24 -23.34 9.08 -0.32
N PRO B 25 -22.45 8.21 0.14
CA PRO B 25 -22.85 6.84 0.47
C PRO B 25 -24.04 6.77 1.43
N ASP B 26 -24.91 5.80 1.19
CA ASP B 26 -26.12 5.60 1.98
C ASP B 26 -25.77 5.00 3.34
N PRO B 27 -26.02 5.70 4.45
CA PRO B 27 -25.74 5.10 5.77
C PRO B 27 -26.53 3.84 6.03
N PHE B 28 -27.73 3.73 5.44
CA PHE B 28 -28.73 2.77 5.85
C PHE B 28 -28.77 1.52 5.00
N THR B 29 -27.76 1.29 4.17
CA THR B 29 -27.63 0.02 3.48
C THR B 29 -26.24 -0.54 3.71
N PHE B 30 -26.18 -1.80 4.15
CA PHE B 30 -24.90 -2.47 4.30
C PHE B 30 -24.23 -2.66 2.94
N ALA B 31 -22.93 -2.94 2.98
CA ALA B 31 -22.19 -3.20 1.75
C ALA B 31 -22.83 -4.33 0.93
N ASN B 32 -23.41 -5.33 1.60
CA ASN B 32 -24.02 -6.47 0.92
C ASN B 32 -25.42 -6.17 0.37
N GLY B 33 -25.92 -4.95 0.52
CA GLY B 33 -27.23 -4.59 0.03
C GLY B 33 -28.38 -4.81 0.99
N THR B 34 -28.12 -5.35 2.18
CA THR B 34 -29.16 -5.46 3.19
C THR B 34 -29.47 -4.07 3.74
N ALA B 35 -30.75 -3.71 3.79
CA ALA B 35 -31.16 -2.43 4.36
C ALA B 35 -31.21 -2.53 5.88
N LEU B 36 -30.73 -1.49 6.56
CA LEU B 36 -30.86 -1.44 8.00
C LEU B 36 -32.33 -1.25 8.39
N ARG B 37 -32.75 -1.96 9.43
CA ARG B 37 -34.14 -1.86 9.89
CA ARG B 37 -34.14 -1.84 9.89
C ARG B 37 -34.23 -1.65 11.41
N THR B 38 -33.28 -2.21 12.16
CA THR B 38 -33.31 -2.16 13.63
C THR B 38 -32.13 -1.39 14.18
N LYS B 39 -32.20 -1.08 15.48
CA LYS B 39 -31.07 -0.41 16.14
C LYS B 39 -29.86 -1.33 16.24
N ALA B 40 -30.08 -2.63 16.46
CA ALA B 40 -28.98 -3.57 16.42
C ALA B 40 -28.28 -3.55 15.07
N ASP B 41 -29.05 -3.37 13.99
CA ASP B 41 -28.43 -3.23 12.68
C ASP B 41 -27.45 -2.07 12.66
N TRP B 42 -27.78 -0.96 13.34
CA TRP B 42 -26.85 0.16 13.34
C TRP B 42 -25.52 -0.21 13.99
N SER B 43 -25.55 -0.93 15.12
CA SER B 43 -24.31 -1.36 15.75
CA SER B 43 -24.32 -1.36 15.75
C SER B 43 -23.42 -2.10 14.75
N CYS B 44 -24.01 -3.00 13.97
CA CYS B 44 -23.24 -3.76 12.98
C CYS B 44 -22.80 -2.88 11.82
N ARG B 45 -23.67 -1.97 11.36
CA ARG B 45 -23.29 -1.07 10.29
C ARG B 45 -22.16 -0.16 10.72
N ARG B 46 -22.19 0.30 11.98
CA ARG B 46 -21.08 1.09 12.50
C ARG B 46 -19.76 0.31 12.46
N ALA B 47 -19.81 -0.98 12.82
CA ALA B 47 -18.61 -1.80 12.74
C ALA B 47 -18.12 -1.94 11.31
N GLU B 48 -19.06 -2.08 10.36
CA GLU B 48 -18.66 -2.11 8.95
C GLU B 48 -18.05 -0.78 8.50
N ILE B 49 -18.68 0.34 8.88
CA ILE B 49 -18.13 1.65 8.56
C ILE B 49 -16.73 1.80 9.13
N SER B 50 -16.51 1.33 10.37
CA SER B 50 -15.18 1.40 10.96
C SER B 50 -14.17 0.66 10.10
N ALA B 51 -14.51 -0.54 9.65
CA ALA B 51 -13.62 -1.32 8.81
C ALA B 51 -13.36 -0.61 7.48
N LEU B 52 -14.41 -0.02 6.87
CA LEU B 52 -14.23 0.66 5.60
C LEU B 52 -13.34 1.89 5.76
N ILE B 53 -13.57 2.67 6.82
CA ILE B 53 -12.76 3.85 7.03
C ILE B 53 -11.30 3.47 7.27
N GLN B 54 -11.07 2.43 8.07
CA GLN B 54 -9.69 1.98 8.25
C GLN B 54 -9.07 1.54 6.93
N ASN B 55 -9.82 0.81 6.10
CA ASN B 55 -9.27 0.30 4.85
C ASN B 55 -8.94 1.41 3.86
N TYR B 56 -9.81 2.41 3.74
CA TYR B 56 -9.66 3.41 2.68
C TYR B 56 -8.86 4.64 3.09
N GLU B 57 -8.96 5.09 4.36
CA GLU B 57 -8.36 6.38 4.70
C GLU B 57 -7.66 6.47 6.03
N ALA B 58 -7.94 5.59 7.02
CA ALA B 58 -7.41 5.79 8.36
C ALA B 58 -6.29 4.82 8.74
N GLY B 59 -6.15 3.70 8.03
CA GLY B 59 -5.21 2.67 8.45
C GLY B 59 -5.73 1.89 9.65
N THR B 60 -4.90 0.95 10.10
CA THR B 60 -5.34 0.00 11.12
C THR B 60 -5.26 0.60 12.51
N LEU B 61 -6.36 0.54 13.26
CA LEU B 61 -6.39 0.95 14.66
C LEU B 61 -6.11 -0.28 15.52
N PRO B 62 -4.93 -0.39 16.16
CA PRO B 62 -4.65 -1.58 16.97
C PRO B 62 -5.52 -1.59 18.23
N PRO B 63 -5.78 -2.77 18.79
CA PRO B 63 -6.54 -2.86 20.04
C PRO B 63 -5.65 -2.50 21.23
N LYS B 64 -6.24 -2.54 22.42
CA LYS B 64 -5.46 -2.35 23.63
C LYS B 64 -4.29 -3.33 23.65
N PRO B 65 -3.08 -2.86 23.94
CA PRO B 65 -1.91 -3.75 23.95
C PRO B 65 -1.80 -4.49 25.28
N PRO B 66 -0.90 -5.47 25.36
CA PRO B 66 -0.81 -6.28 26.60
C PRO B 66 -0.39 -5.51 27.83
N VAL B 67 0.36 -4.42 27.69
CA VAL B 67 0.86 -3.66 28.84
C VAL B 67 0.24 -2.27 28.81
N VAL B 68 -0.54 -1.95 29.84
CA VAL B 68 -0.99 -0.58 30.10
C VAL B 68 -0.97 -0.39 31.61
N THR B 69 -0.09 0.48 32.10
CA THR B 69 -0.02 0.81 33.51
C THR B 69 -0.01 2.32 33.68
N ALA B 70 -0.31 2.76 34.91
CA ALA B 70 -0.38 4.20 35.15
C ALA B 70 -0.13 4.49 36.62
N SER B 71 0.48 5.63 36.87
CA SER B 71 0.58 6.18 38.22
C SER B 71 0.08 7.61 38.17
N PHE B 72 -0.31 8.14 39.32
CA PHE B 72 -0.93 9.45 39.40
C PHE B 72 -0.35 10.23 40.57
N SER B 73 -0.11 11.52 40.34
CA SER B 73 0.31 12.43 41.40
C SER B 73 -0.35 13.77 41.14
N LYS B 74 -0.45 14.58 42.19
CA LYS B 74 -1.15 15.85 42.08
C LYS B 74 -0.39 16.92 42.84
N SER B 75 -0.30 18.10 42.22
CA SER B 75 0.32 19.27 42.83
C SER B 75 -0.64 20.43 42.64
N GLY B 76 -1.08 21.03 43.72
CA GLY B 76 -2.10 22.05 43.62
C GLY B 76 -3.33 21.48 42.96
N ASN B 77 -3.80 22.13 41.90
CA ASN B 77 -4.98 21.70 41.17
C ASN B 77 -4.62 20.97 39.88
N THR B 78 -3.39 20.48 39.74
CA THR B 78 -2.93 19.84 38.52
C THR B 78 -2.48 18.42 38.82
N GLY B 79 -3.16 17.45 38.21
CA GLY B 79 -2.74 16.07 38.29
C GLY B 79 -1.88 15.70 37.10
N THR B 80 -1.00 14.71 37.32
CA THR B 80 -0.19 14.15 36.24
C THR B 80 -0.43 12.65 36.21
N LEU B 81 -0.95 12.17 35.09
CA LEU B 81 -1.27 10.76 34.89
C LEU B 81 -0.16 10.15 34.03
N ALA B 82 0.78 9.47 34.68
CA ALA B 82 1.96 8.91 33.99
C ALA B 82 1.60 7.53 33.47
N ILE B 83 1.50 7.39 32.15
CA ILE B 83 1.03 6.18 31.49
C ILE B 83 2.21 5.47 30.83
N THR B 84 2.26 4.16 31.01
CA THR B 84 3.17 3.29 30.27
C THR B 84 2.34 2.30 29.46
N ALA B 85 2.63 2.19 28.16
CA ALA B 85 1.91 1.26 27.30
C ALA B 85 2.93 0.52 26.43
N GLY B 86 2.67 -0.76 26.17
CA GLY B 86 3.62 -1.51 25.35
C GLY B 86 3.08 -2.84 24.89
N LEU B 87 3.77 -3.40 23.90
CA LEU B 87 3.44 -4.73 23.42
C LEU B 87 3.98 -5.82 24.34
N SER B 88 4.94 -5.48 25.18
CA SER B 88 5.49 -6.35 26.22
C SER B 88 6.21 -5.45 27.19
N ASN B 89 6.67 -6.03 28.30
CA ASN B 89 7.39 -5.23 29.28
C ASN B 89 8.73 -4.73 28.76
N SER B 90 9.26 -5.34 27.70
CA SER B 90 10.53 -4.91 27.14
C SER B 90 10.39 -3.85 26.04
N GLN B 91 9.17 -3.54 25.62
CA GLN B 91 8.95 -2.55 24.55
CA GLN B 91 8.93 -2.57 24.54
C GLN B 91 7.74 -1.69 24.95
N THR B 92 8.04 -0.56 25.59
CA THR B 92 7.02 0.35 26.07
C THR B 92 7.31 1.78 25.63
N ILE B 93 6.29 2.61 25.72
CA ILE B 93 6.39 4.06 25.60
C ILE B 93 5.73 4.67 26.82
N LYS B 94 6.08 5.92 27.10
CA LYS B 94 5.56 6.62 28.28
C LYS B 94 5.06 7.98 27.84
N PHE B 95 3.91 8.37 28.39
CA PHE B 95 3.39 9.71 28.19
C PHE B 95 2.59 10.10 29.43
N SER B 96 2.56 11.40 29.73
CA SER B 96 2.09 11.90 31.03
C SER B 96 1.18 13.11 30.85
N PRO B 97 -0.04 12.89 30.36
CA PRO B 97 -1.01 14.00 30.27
C PRO B 97 -1.30 14.57 31.65
N THR B 98 -1.59 15.87 31.67
CA THR B 98 -1.94 16.55 32.90
C THR B 98 -3.45 16.85 32.92
N ILE B 99 -3.97 16.96 34.13
CA ILE B 99 -5.40 17.21 34.36
C ILE B 99 -5.52 18.47 35.22
N SER B 100 -6.32 19.43 34.77
CA SER B 100 -6.64 20.63 35.53
C SER B 100 -7.98 20.40 36.22
N TYR B 101 -7.99 20.49 37.56
CA TYR B 101 -9.18 20.16 38.33
C TYR B 101 -9.89 21.41 38.80
N PRO B 102 -11.23 21.35 38.82
CA PRO B 102 -12.00 22.37 39.53
C PRO B 102 -11.62 22.35 40.99
N SER B 103 -11.74 23.51 41.64
CA SER B 103 -11.54 23.57 43.07
C SER B 103 -12.79 23.04 43.78
N GLY B 104 -12.58 22.52 44.98
CA GLY B 104 -13.68 22.04 45.80
C GLY B 104 -13.80 20.53 45.81
N THR B 105 -14.86 20.07 46.46
CA THR B 105 -15.09 18.65 46.66
C THR B 105 -15.62 18.03 45.37
N PRO B 106 -15.00 16.96 44.88
CA PRO B 106 -15.51 16.31 43.68
C PRO B 106 -16.82 15.58 43.96
N PRO B 107 -17.63 15.36 42.93
CA PRO B 107 -18.77 14.46 43.07
C PRO B 107 -18.33 13.08 43.54
N ALA B 108 -19.29 12.32 44.06
CA ALA B 108 -18.95 11.05 44.71
C ALA B 108 -18.20 10.11 43.78
N ASN B 109 -18.53 10.11 42.49
CA ASN B 109 -17.87 9.23 41.54
C ASN B 109 -16.86 9.96 40.66
N GLY B 110 -16.43 11.15 41.09
CA GLY B 110 -15.37 11.87 40.42
C GLY B 110 -15.89 12.95 39.48
N TRP B 111 -14.96 13.75 38.98
CA TRP B 111 -15.30 14.84 38.07
C TRP B 111 -15.55 14.30 36.68
N PRO B 112 -16.57 14.80 35.99
CA PRO B 112 -16.60 14.65 34.53
C PRO B 112 -15.35 15.28 33.94
N LEU B 113 -14.94 14.81 32.76
CA LEU B 113 -13.66 15.19 32.19
C LEU B 113 -13.78 15.42 30.70
N ILE B 114 -13.12 16.46 30.20
CA ILE B 114 -12.94 16.65 28.76
C ILE B 114 -11.46 16.44 28.44
N ILE B 115 -11.19 15.49 27.55
CA ILE B 115 -9.86 15.25 27.02
C ILE B 115 -9.68 16.23 25.87
N ALA B 116 -8.76 17.18 26.03
CA ALA B 116 -8.59 18.26 25.06
C ALA B 116 -7.28 18.05 24.31
N TYR B 117 -7.39 17.79 23.01
CA TYR B 117 -6.22 17.64 22.15
C TYR B 117 -5.41 18.95 22.17
N GLU B 118 -4.15 18.85 22.59
CA GLU B 118 -3.27 20.02 22.73
C GLU B 118 -3.93 21.14 23.55
N GLY B 119 -4.80 20.76 24.48
CA GLY B 119 -5.43 21.71 25.37
C GLY B 119 -6.76 22.27 24.89
N GLY B 120 -7.09 22.07 23.61
CA GLY B 120 -8.36 22.54 23.07
C GLY B 120 -8.41 24.04 22.93
N SER B 121 -9.52 24.51 22.38
CA SER B 121 -9.75 25.94 22.21
CA SER B 121 -9.74 25.95 22.24
C SER B 121 -11.17 26.34 22.59
N ILE B 122 -11.81 25.57 23.47
CA ILE B 122 -13.15 25.90 23.97
C ILE B 122 -13.09 26.26 25.45
N PRO B 123 -13.98 27.13 25.92
CA PRO B 123 -14.11 27.34 27.36
C PRO B 123 -14.75 26.12 28.00
N ILE B 124 -14.24 25.74 29.16
CA ILE B 124 -14.70 24.56 29.90
C ILE B 124 -15.47 25.06 31.11
N PRO B 125 -16.72 24.66 31.31
CA PRO B 125 -17.50 25.23 32.40
C PRO B 125 -17.07 24.66 33.75
N ALA B 126 -17.54 25.32 34.80
CA ALA B 126 -17.28 24.84 36.15
C ALA B 126 -17.79 23.42 36.31
N GLY B 127 -17.10 22.66 37.15
CA GLY B 127 -17.51 21.32 37.45
C GLY B 127 -17.00 20.26 36.49
N VAL B 128 -16.19 20.65 35.50
CA VAL B 128 -15.63 19.73 34.54
C VAL B 128 -14.12 19.88 34.58
N ALA B 129 -13.42 18.76 34.68
CA ALA B 129 -11.96 18.76 34.62
C ALA B 129 -11.50 18.71 33.18
N THR B 130 -10.27 19.18 32.93
CA THR B 130 -9.71 19.21 31.59
C THR B 130 -8.39 18.45 31.57
N LEU B 131 -8.30 17.43 30.74
CA LEU B 131 -7.04 16.73 30.52
C LEU B 131 -6.40 17.25 29.24
N THR B 132 -5.12 17.62 29.33
CA THR B 132 -4.38 18.08 28.16
C THR B 132 -3.62 16.89 27.55
N TYR B 133 -4.00 16.52 26.33
CA TYR B 133 -3.41 15.39 25.62
C TYR B 133 -2.45 15.91 24.57
N SER B 134 -1.17 15.54 24.68
CA SER B 134 -0.17 15.91 23.68
CA SER B 134 -0.17 15.92 23.69
C SER B 134 -0.22 14.91 22.54
N ASN B 135 -1.25 15.05 21.70
CA ASN B 135 -1.40 14.13 20.58
C ASN B 135 -0.23 14.20 19.61
N SER B 136 0.37 15.39 19.45
CA SER B 136 1.49 15.51 18.52
C SER B 136 2.68 14.65 18.93
N ASP B 137 2.87 14.42 20.24
CA ASP B 137 3.92 13.49 20.67
C ASP B 137 3.58 12.06 20.27
N MET B 138 2.30 11.70 20.37
CA MET B 138 1.86 10.34 20.05
C MET B 138 2.02 10.06 18.56
N ALA B 139 1.71 11.04 17.72
CA ALA B 139 2.01 10.95 16.29
C ALA B 139 2.22 12.36 15.77
N GLN B 140 3.41 12.62 15.25
CA GLN B 140 3.76 13.96 14.82
C GLN B 140 2.96 14.38 13.58
N GLN B 141 2.79 15.70 13.44
CA GLN B 141 1.91 16.24 12.39
C GLN B 141 2.46 17.56 11.88
N ASN B 142 3.76 17.60 11.57
CA ASN B 142 4.36 18.82 11.05
C ASN B 142 4.21 18.95 9.54
N SER B 143 4.41 17.86 8.80
CA SER B 143 4.31 17.85 7.34
C SER B 143 4.33 16.40 6.89
N ALA B 144 4.40 16.18 5.58
CA ALA B 144 4.52 14.81 5.09
C ALA B 144 5.75 14.12 5.66
N SER B 145 6.78 14.89 6.04
CA SER B 145 7.99 14.31 6.61
C SER B 145 7.77 13.70 7.98
N SER B 146 6.61 13.93 8.60
CA SER B 146 6.27 13.35 9.89
C SER B 146 5.83 11.90 9.81
N ARG B 147 5.73 11.34 8.61
CA ARG B 147 5.14 10.02 8.44
C ARG B 147 5.85 8.98 9.29
N GLY B 148 5.08 8.27 10.10
CA GLY B 148 5.65 7.23 10.93
C GLY B 148 6.49 7.70 12.09
N GLN B 149 6.40 8.97 12.48
CA GLN B 149 7.15 9.51 13.61
C GLN B 149 6.20 9.78 14.76
N GLY B 150 6.57 9.34 15.96
CA GLY B 150 5.73 9.49 17.13
C GLY B 150 5.82 8.29 18.04
N LEU B 151 5.41 8.48 19.29
CA LEU B 151 5.43 7.39 20.27
C LEU B 151 4.70 6.16 19.74
N PHE B 152 3.56 6.36 19.08
CA PHE B 152 2.79 5.22 18.60
C PHE B 152 3.63 4.33 17.69
N TYR B 153 4.40 4.95 16.78
CA TYR B 153 5.19 4.20 15.81
C TYR B 153 6.42 3.57 16.43
N GLN B 154 6.90 4.10 17.56
CA GLN B 154 7.97 3.41 18.27
C GLN B 154 7.53 2.01 18.68
N LEU B 155 6.25 1.86 19.07
CA LEU B 155 5.73 0.54 19.41
C LEU B 155 5.37 -0.27 18.17
N TYR B 156 4.59 0.31 17.26
CA TYR B 156 3.97 -0.47 16.19
C TYR B 156 4.79 -0.48 14.90
N GLY B 157 5.84 0.33 14.81
CA GLY B 157 6.65 0.40 13.60
C GLY B 157 6.37 1.65 12.78
N SER B 158 7.43 2.22 12.20
CA SER B 158 7.30 3.44 11.40
CA SER B 158 7.27 3.44 11.43
C SER B 158 6.50 3.22 10.13
N THR B 159 6.35 1.98 9.66
CA THR B 159 5.57 1.72 8.46
C THR B 159 4.22 1.10 8.79
N HIS B 160 3.79 1.13 10.04
CA HIS B 160 2.44 0.71 10.38
C HIS B 160 1.42 1.60 9.67
N SER B 161 0.31 1.00 9.26
CA SER B 161 -0.61 1.74 8.39
C SER B 161 -1.39 2.84 9.10
N ALA B 162 -1.49 2.82 10.42
CA ALA B 162 -2.28 3.84 11.11
C ALA B 162 -1.86 5.24 10.70
N SER B 163 -2.83 6.05 10.30
CA SER B 163 -2.58 7.48 10.12
C SER B 163 -2.22 8.11 11.46
N ALA B 164 -1.72 9.36 11.42
CA ALA B 164 -1.48 10.06 12.68
C ALA B 164 -2.74 10.16 13.52
N MET B 165 -3.90 10.38 12.88
CA MET B 165 -5.11 10.55 13.68
C MET B 165 -5.56 9.22 14.30
N THR B 166 -5.36 8.11 13.58
CA THR B 166 -5.65 6.80 14.16
C THR B 166 -4.72 6.51 15.34
N ALA B 167 -3.43 6.84 15.19
CA ALA B 167 -2.50 6.73 16.31
C ALA B 167 -2.97 7.57 17.50
N TRP B 168 -3.47 8.78 17.22
CA TRP B 168 -3.97 9.62 18.31
C TRP B 168 -5.14 8.95 19.03
N VAL B 169 -6.04 8.31 18.27
CA VAL B 169 -7.17 7.62 18.90
C VAL B 169 -6.65 6.53 19.83
N TRP B 170 -5.71 5.73 19.36
CA TRP B 170 -5.12 4.69 20.20
C TRP B 170 -4.62 5.29 21.51
N GLY B 171 -3.96 6.45 21.44
CA GLY B 171 -3.49 7.11 22.65
C GLY B 171 -4.61 7.53 23.58
N VAL B 172 -5.69 8.09 23.01
CA VAL B 172 -6.85 8.45 23.84
C VAL B 172 -7.40 7.21 24.54
N SER B 173 -7.47 6.09 23.83
CA SER B 173 -7.98 4.86 24.45
C SER B 173 -7.09 4.43 25.61
N ARG B 174 -5.77 4.60 25.48
CA ARG B 174 -4.88 4.28 26.60
C ARG B 174 -5.08 5.24 27.76
N ILE B 175 -5.39 6.52 27.47
CA ILE B 175 -5.69 7.48 28.53
C ILE B 175 -6.93 7.04 29.31
N ILE B 176 -7.99 6.64 28.59
CA ILE B 176 -9.19 6.19 29.29
C ILE B 176 -8.92 4.91 30.07
N ASP B 177 -8.17 3.96 29.48
CA ASP B 177 -7.72 2.78 30.25
C ASP B 177 -7.06 3.20 31.55
N ALA B 178 -6.14 4.18 31.46
CA ALA B 178 -5.39 4.61 32.63
C ALA B 178 -6.32 5.25 33.67
N LEU B 179 -7.27 6.07 33.22
CA LEU B 179 -8.23 6.66 34.14
C LEU B 179 -9.05 5.59 34.84
N GLU B 180 -9.47 4.56 34.10
CA GLU B 180 -10.32 3.53 34.69
C GLU B 180 -9.58 2.70 35.73
N MET B 181 -8.25 2.66 35.69
CA MET B 181 -7.47 1.92 36.66
C MET B 181 -6.89 2.79 37.76
N THR B 182 -7.26 4.08 37.81
CA THR B 182 -6.65 5.04 38.73
C THR B 182 -7.72 5.83 39.49
N PRO B 183 -8.33 5.22 40.51
CA PRO B 183 -9.37 5.94 41.26
C PRO B 183 -8.91 7.25 41.86
N THR B 184 -7.63 7.38 42.19
CA THR B 184 -7.15 8.62 42.82
C THR B 184 -7.14 9.80 41.85
N ALA B 185 -7.29 9.55 40.54
CA ALA B 185 -7.45 10.65 39.59
C ALA B 185 -8.79 11.36 39.77
N GLN B 186 -9.73 10.77 40.50
CA GLN B 186 -11.01 11.40 40.82
CA GLN B 186 -11.01 11.40 40.82
C GLN B 186 -11.76 11.83 39.56
N ILE B 187 -11.87 10.91 38.60
CA ILE B 187 -12.56 11.16 37.34
C ILE B 187 -13.72 10.19 37.22
N ASN B 188 -14.88 10.72 36.81
CA ASN B 188 -16.04 9.90 36.48
C ASN B 188 -15.83 9.42 35.05
N THR B 189 -15.37 8.18 34.88
CA THR B 189 -15.05 7.69 33.56
C THR B 189 -16.28 7.36 32.73
N GLN B 190 -17.48 7.46 33.30
CA GLN B 190 -18.72 7.41 32.54
C GLN B 190 -19.10 8.74 31.93
N ARG B 191 -18.37 9.82 32.23
CA ARG B 191 -18.68 11.16 31.75
C ARG B 191 -17.43 11.81 31.19
N ILE B 192 -16.91 11.24 30.10
CA ILE B 192 -15.71 11.74 29.42
C ILE B 192 -16.10 12.33 28.08
N GLY B 193 -15.62 13.54 27.79
CA GLY B 193 -15.77 14.15 26.50
C GLY B 193 -14.41 14.33 25.84
N VAL B 194 -14.43 14.75 24.58
CA VAL B 194 -13.22 15.01 23.82
C VAL B 194 -13.39 16.26 22.98
N THR B 195 -12.34 17.06 22.85
CA THR B 195 -12.41 18.27 22.04
C THR B 195 -11.05 18.56 21.42
N GLY B 196 -11.08 19.34 20.36
CA GLY B 196 -9.88 19.88 19.75
C GLY B 196 -10.29 20.86 18.67
N CYS B 197 -9.35 21.73 18.30
CA CYS B 197 -9.58 22.74 17.28
C CYS B 197 -8.70 22.50 16.07
N ALA B 198 -9.27 22.71 14.88
CA ALA B 198 -8.51 22.70 13.62
C ALA B 198 -7.92 21.30 13.41
N ARG B 199 -6.61 21.17 13.17
CA ARG B 199 -6.05 19.83 12.98
C ARG B 199 -6.37 18.93 14.16
N ASP B 200 -6.37 19.49 15.37
CA ASP B 200 -6.69 18.73 16.57
C ASP B 200 -8.18 18.46 16.72
N GLY B 201 -9.02 19.23 16.02
CA GLY B 201 -10.44 18.94 15.90
C GLY B 201 -10.73 17.79 14.94
N LYS B 202 -9.98 17.70 13.83
CA LYS B 202 -10.02 16.47 13.04
C LYS B 202 -9.71 15.29 13.94
N GLY B 203 -8.71 15.45 14.80
CA GLY B 203 -8.36 14.37 15.72
C GLY B 203 -9.47 14.05 16.70
N ALA B 204 -10.07 15.08 17.29
CA ALA B 204 -11.14 14.85 18.26
C ALA B 204 -12.31 14.11 17.62
N LEU B 205 -12.67 14.46 16.38
CA LEU B 205 -13.76 13.74 15.72
C LEU B 205 -13.42 12.26 15.56
N MET B 206 -12.20 11.96 15.12
CA MET B 206 -11.78 10.57 15.00
C MET B 206 -11.86 9.85 16.34
N ALA B 207 -11.46 10.52 17.41
CA ALA B 207 -11.50 9.90 18.75
C ALA B 207 -12.92 9.54 19.13
N GLY B 208 -13.85 10.49 19.00
CA GLY B 208 -15.23 10.20 19.36
C GLY B 208 -15.85 9.13 18.48
N ALA B 209 -15.49 9.11 17.20
CA ALA B 209 -16.02 8.08 16.29
C ALA B 209 -15.59 6.68 16.73
N PHE B 210 -14.30 6.51 17.04
CA PHE B 210 -13.70 5.19 17.20
C PHE B 210 -13.62 4.70 18.64
N GLU B 211 -13.69 5.58 19.62
CA GLU B 211 -13.54 5.19 21.03
C GLU B 211 -14.89 5.40 21.72
N GLU B 212 -15.60 4.30 21.96
CA GLU B 212 -17.00 4.38 22.38
C GLU B 212 -17.17 4.76 23.85
N ARG B 213 -16.08 4.86 24.61
CA ARG B 213 -16.19 5.36 25.98
C ARG B 213 -16.29 6.87 26.06
N ILE B 214 -16.26 7.57 24.92
CA ILE B 214 -16.40 9.02 24.90
C ILE B 214 -17.88 9.36 24.79
N ALA B 215 -18.41 10.02 25.83
CA ALA B 215 -19.83 10.34 25.89
C ALA B 215 -20.19 11.56 25.06
N LEU B 216 -19.27 12.51 24.86
CA LEU B 216 -19.55 13.73 24.13
C LEU B 216 -18.32 14.12 23.32
N THR B 217 -18.52 14.36 22.02
CA THR B 217 -17.44 14.72 21.10
C THR B 217 -17.67 16.15 20.62
N ILE B 218 -16.62 16.99 20.69
CA ILE B 218 -16.74 18.42 20.37
C ILE B 218 -15.65 18.87 19.41
N PRO B 219 -15.77 18.63 18.10
CA PRO B 219 -14.79 19.14 17.13
C PRO B 219 -15.05 20.60 16.80
N GLN B 220 -14.00 21.42 16.85
CA GLN B 220 -14.09 22.87 16.66
C GLN B 220 -13.29 23.25 15.42
N GLU B 221 -13.96 23.84 14.43
CA GLU B 221 -13.29 24.33 13.21
C GLU B 221 -12.35 23.29 12.61
N SER B 222 -12.86 22.06 12.47
CA SER B 222 -12.01 20.95 12.03
C SER B 222 -11.76 20.95 10.51
N GLY B 223 -12.70 21.48 9.72
CA GLY B 223 -12.44 21.62 8.29
C GLY B 223 -12.29 20.31 7.53
N SER B 224 -11.51 20.39 6.45
CA SER B 224 -11.32 19.25 5.56
C SER B 224 -10.62 18.12 6.30
N GLY B 225 -11.13 16.90 6.13
CA GLY B 225 -10.63 15.79 6.92
C GLY B 225 -11.22 15.71 8.31
N GLY B 226 -12.06 16.67 8.69
CA GLY B 226 -12.82 16.65 9.92
C GLY B 226 -14.29 16.48 9.61
N ASP B 227 -15.11 17.47 9.97
CA ASP B 227 -16.55 17.36 9.73
C ASP B 227 -16.97 17.79 8.32
N ALA B 228 -16.03 18.04 7.42
CA ALA B 228 -16.34 18.21 6.01
C ALA B 228 -16.27 16.86 5.31
N CYS B 229 -17.00 16.73 4.20
CA CYS B 229 -16.99 15.53 3.37
C CYS B 229 -16.04 15.70 2.19
N TRP B 230 -15.37 14.62 1.81
CA TRP B 230 -14.45 14.66 0.68
C TRP B 230 -15.18 15.03 -0.61
N ARG B 231 -16.32 14.39 -0.88
CA ARG B 231 -17.02 14.63 -2.14
C ARG B 231 -17.50 16.07 -2.23
N LEU B 232 -18.00 16.62 -1.14
CA LEU B 232 -18.50 17.99 -1.19
C LEU B 232 -17.36 18.99 -1.34
N SER B 233 -16.20 18.72 -0.75
CA SER B 233 -15.07 19.63 -0.90
C SER B 233 -14.50 19.59 -2.31
N LYS B 234 -14.52 18.42 -2.95
CA LYS B 234 -14.15 18.35 -4.35
C LYS B 234 -15.09 19.19 -5.20
N TYR B 235 -16.40 19.11 -4.93
CA TYR B 235 -17.35 19.97 -5.63
C TYR B 235 -17.02 21.44 -5.40
N GLU B 236 -16.70 21.82 -4.16
CA GLU B 236 -16.38 23.23 -3.91
C GLU B 236 -15.15 23.68 -4.70
N ILE B 237 -14.09 22.86 -4.69
CA ILE B 237 -12.85 23.28 -5.33
C ILE B 237 -13.01 23.36 -6.84
N ASP B 238 -13.86 22.50 -7.42
CA ASP B 238 -14.14 22.52 -8.85
C ASP B 238 -15.05 23.67 -9.25
N ASN B 239 -15.69 24.35 -8.29
CA ASN B 239 -16.62 25.42 -8.60
C ASN B 239 -16.19 26.76 -8.02
N GLY B 240 -14.90 26.94 -7.78
CA GLY B 240 -14.35 28.26 -7.56
C GLY B 240 -14.05 28.66 -6.13
N ASN B 241 -14.23 27.78 -5.16
CA ASN B 241 -13.87 28.07 -3.77
C ASN B 241 -12.49 27.48 -3.47
N GLN B 242 -11.63 28.29 -2.86
CA GLN B 242 -10.28 27.84 -2.46
CA GLN B 242 -10.28 27.84 -2.46
C GLN B 242 -10.38 27.11 -1.12
N VAL B 243 -10.86 25.88 -1.19
CA VAL B 243 -11.02 25.03 -0.03
C VAL B 243 -9.88 24.03 0.03
N GLN B 244 -9.66 23.46 1.21
CA GLN B 244 -8.82 22.28 1.33
C GLN B 244 -9.60 21.06 0.88
N ASP B 245 -8.95 20.16 0.14
CA ASP B 245 -9.61 18.97 -0.38
C ASP B 245 -8.71 17.74 -0.17
N ALA B 246 -9.25 16.56 -0.51
CA ALA B 246 -8.52 15.32 -0.31
C ALA B 246 -7.18 15.32 -1.03
N VAL B 247 -7.14 15.82 -2.26
CA VAL B 247 -5.89 15.78 -3.04
C VAL B 247 -4.80 16.58 -2.35
N GLU B 248 -5.14 17.78 -1.87
CA GLU B 248 -4.11 18.61 -1.25
C GLU B 248 -3.74 18.10 0.14
N ILE B 249 -4.70 17.57 0.89
CA ILE B 249 -4.45 17.32 2.30
C ILE B 249 -3.44 16.21 2.49
N VAL B 250 -3.44 15.21 1.61
CA VAL B 250 -2.52 14.08 1.75
C VAL B 250 -1.08 14.48 1.43
N GLY B 251 -0.89 15.55 0.64
CA GLY B 251 0.45 16.05 0.40
C GLY B 251 0.96 16.95 1.51
N GLU B 252 0.05 17.51 2.30
CA GLU B 252 0.39 18.50 3.30
C GLU B 252 0.79 17.89 4.63
N ASN B 253 0.23 16.73 4.99
CA ASN B 253 0.45 16.21 6.33
C ASN B 253 0.17 14.70 6.32
N VAL B 254 0.08 14.13 7.52
CA VAL B 254 0.02 12.68 7.69
C VAL B 254 -1.24 12.30 8.47
N TRP B 255 -2.30 13.09 8.32
CA TRP B 255 -3.54 12.82 9.03
C TRP B 255 -4.29 11.62 8.48
N PHE B 256 -3.92 11.12 7.30
CA PHE B 256 -4.58 9.97 6.69
C PHE B 256 -3.56 8.91 6.33
N SER B 257 -4.04 7.69 6.11
CA SER B 257 -3.13 6.61 5.73
C SER B 257 -2.51 6.87 4.37
N THR B 258 -1.33 6.29 4.14
CA THR B 258 -0.75 6.38 2.81
C THR B 258 -1.64 5.71 1.77
N ASN B 259 -2.40 4.69 2.18
CA ASN B 259 -3.31 4.03 1.23
C ASN B 259 -4.35 5.01 0.68
N PHE B 260 -4.73 6.02 1.48
CA PHE B 260 -5.73 6.98 1.00
C PHE B 260 -5.25 7.69 -0.25
N ASN B 261 -3.94 7.83 -0.44
CA ASN B 261 -3.43 8.47 -1.65
C ASN B 261 -3.95 7.79 -2.91
N ASN B 262 -4.27 6.49 -2.82
CA ASN B 262 -4.78 5.75 -3.97
C ASN B 262 -6.22 6.09 -4.32
N TYR B 263 -6.88 6.88 -3.47
CA TYR B 263 -8.30 7.19 -3.64
C TYR B 263 -8.58 8.68 -3.80
N VAL B 264 -7.63 9.57 -3.51
CA VAL B 264 -7.96 10.99 -3.44
C VAL B 264 -8.42 11.55 -4.79
N GLN B 265 -7.98 10.95 -5.90
CA GLN B 265 -8.41 11.37 -7.23
C GLN B 265 -9.63 10.59 -7.73
N LYS B 266 -10.17 9.70 -6.91
CA LYS B 266 -11.23 8.77 -7.31
C LYS B 266 -12.23 8.65 -6.18
N LEU B 267 -12.63 9.79 -5.63
CA LEU B 267 -13.48 9.77 -4.44
C LEU B 267 -14.80 9.01 -4.64
N PRO B 268 -15.44 9.03 -5.81
CA PRO B 268 -16.69 8.26 -5.95
C PRO B 268 -16.53 6.77 -5.69
N THR B 269 -15.31 6.23 -5.80
CA THR B 269 -15.09 4.81 -5.57
C THR B 269 -14.92 4.48 -4.09
N VAL B 270 -14.89 5.48 -3.21
CA VAL B 270 -14.70 5.26 -1.79
C VAL B 270 -16.06 5.03 -1.15
N PRO B 271 -16.32 3.85 -0.56
CA PRO B 271 -17.67 3.52 -0.06
C PRO B 271 -17.93 4.08 1.32
N GLU B 272 -17.37 5.25 1.60
CA GLU B 272 -17.66 6.00 2.81
C GLU B 272 -17.39 7.46 2.51
N ASP B 273 -17.89 8.33 3.37
CA ASP B 273 -17.42 9.70 3.43
C ASP B 273 -17.51 10.13 4.90
N HIS B 274 -17.15 11.38 5.18
CA HIS B 274 -17.05 11.78 6.58
C HIS B 274 -18.40 11.92 7.26
N HIS B 275 -19.51 11.88 6.52
CA HIS B 275 -20.80 11.80 7.20
C HIS B 275 -20.94 10.47 7.92
N LEU B 276 -20.36 9.40 7.36
CA LEU B 276 -20.35 8.11 8.04
C LEU B 276 -19.35 8.09 9.20
N LEU B 277 -18.21 8.76 9.04
CA LEU B 277 -17.28 8.91 10.17
C LEU B 277 -17.98 9.57 11.35
N ALA B 278 -18.61 10.72 11.12
CA ALA B 278 -19.34 11.39 12.19
C ALA B 278 -20.42 10.48 12.77
N ALA B 279 -21.15 9.78 11.90
CA ALA B 279 -22.23 8.91 12.37
C ALA B 279 -21.72 7.80 13.29
N MET B 280 -20.44 7.44 13.21
CA MET B 280 -19.91 6.43 14.12
C MET B 280 -20.01 6.87 15.57
N VAL B 281 -20.16 8.16 15.84
CA VAL B 281 -20.37 8.58 17.21
C VAL B 281 -21.71 8.09 17.73
N ALA B 282 -22.73 8.02 16.86
CA ALA B 282 -24.06 7.61 17.30
C ALA B 282 -24.00 6.19 17.86
N PRO B 283 -24.77 5.89 18.92
CA PRO B 283 -25.80 6.73 19.55
C PRO B 283 -25.31 7.66 20.68
N ARG B 284 -24.01 7.91 20.74
CA ARG B 284 -23.44 8.88 21.68
C ARG B 284 -23.62 10.30 21.13
N ALA B 285 -23.16 11.29 21.88
CA ALA B 285 -23.48 12.68 21.58
C ALA B 285 -22.31 13.41 20.91
N MET B 286 -22.65 14.35 20.04
CA MET B 286 -21.62 15.17 19.42
CA MET B 286 -21.63 15.15 19.37
C MET B 286 -22.21 16.50 18.99
N ILE B 287 -21.47 17.57 19.23
CA ILE B 287 -21.76 18.86 18.62
C ILE B 287 -20.47 19.38 18.01
N SER B 288 -20.52 19.77 16.74
CA SER B 288 -19.37 20.39 16.10
C SER B 288 -19.69 21.83 15.71
N PHE B 289 -18.63 22.63 15.65
CA PHE B 289 -18.74 24.06 15.42
C PHE B 289 -17.87 24.42 14.23
N GLU B 290 -18.40 25.23 13.32
CA GLU B 290 -17.65 25.63 12.14
C GLU B 290 -17.70 27.14 11.96
N ASN B 291 -16.73 27.62 11.19
CA ASN B 291 -16.49 29.04 10.98
C ASN B 291 -16.48 29.32 9.48
N THR B 292 -17.45 30.11 8.99
CA THR B 292 -17.55 30.37 7.56
C THR B 292 -16.55 31.42 7.06
N ASP B 293 -15.81 32.09 7.96
CA ASP B 293 -14.85 33.09 7.52
C ASP B 293 -13.64 32.50 6.82
N TYR B 294 -13.43 31.19 6.90
CA TYR B 294 -12.25 30.55 6.32
C TYR B 294 -12.71 29.54 5.27
N LEU B 295 -12.68 29.93 3.99
CA LEU B 295 -13.02 28.99 2.94
C LEU B 295 -12.14 27.77 2.97
N TRP B 296 -10.90 27.90 3.49
CA TRP B 296 -10.04 26.73 3.58
C TRP B 296 -10.69 25.59 4.35
N LEU B 297 -11.57 25.91 5.31
CA LEU B 297 -12.29 24.91 6.10
C LEU B 297 -13.40 24.21 5.31
N SER B 298 -13.73 24.69 4.12
CA SER B 298 -14.76 24.09 3.26
C SER B 298 -16.15 24.20 3.89
N PRO B 299 -16.68 25.42 4.05
CA PRO B 299 -17.92 25.59 4.85
C PRO B 299 -19.13 24.83 4.32
N MET B 300 -19.45 24.93 3.03
CA MET B 300 -20.61 24.19 2.53
C MET B 300 -20.46 22.71 2.79
N SER B 301 -19.26 22.18 2.56
CA SER B 301 -19.01 20.76 2.76
C SER B 301 -19.32 20.34 4.19
N SER B 302 -18.90 21.13 5.18
CA SER B 302 -19.21 20.73 6.56
C SER B 302 -20.71 20.73 6.81
N PHE B 303 -21.43 21.74 6.31
CA PHE B 303 -22.87 21.78 6.56
C PHE B 303 -23.55 20.58 5.92
N GLY B 304 -23.22 20.29 4.66
CA GLY B 304 -23.87 19.18 3.98
C GLY B 304 -23.47 17.86 4.60
N CYS B 305 -22.20 17.73 4.98
CA CYS B 305 -21.72 16.50 5.60
C CYS B 305 -22.44 16.24 6.92
N MET B 306 -22.54 17.26 7.76
CA MET B 306 -23.19 17.06 9.05
C MET B 306 -24.70 16.89 8.91
N THR B 307 -25.31 17.54 7.91
CA THR B 307 -26.73 17.28 7.63
C THR B 307 -26.94 15.82 7.25
N ALA B 308 -26.04 15.27 6.43
CA ALA B 308 -26.16 13.87 6.07
C ALA B 308 -25.92 12.96 7.27
N ALA B 309 -24.89 13.26 8.08
CA ALA B 309 -24.63 12.46 9.27
C ALA B 309 -25.82 12.50 10.22
N HIS B 310 -26.48 13.65 10.31
CA HIS B 310 -27.57 13.84 11.25
C HIS B 310 -28.67 12.82 11.01
N THR B 311 -28.85 12.38 9.76
CA THR B 311 -29.92 11.43 9.47
C THR B 311 -29.76 10.13 10.26
N VAL B 312 -28.54 9.76 10.65
CA VAL B 312 -28.36 8.55 11.45
C VAL B 312 -28.94 8.72 12.84
N TRP B 313 -28.60 9.82 13.52
CA TRP B 313 -29.23 10.11 14.81
C TRP B 313 -30.75 10.20 14.67
N GLN B 314 -31.22 10.84 13.59
CA GLN B 314 -32.66 10.92 13.35
C GLN B 314 -33.27 9.53 13.24
N GLY B 315 -32.64 8.64 12.45
CA GLY B 315 -33.16 7.29 12.31
C GLY B 315 -33.16 6.49 13.60
N LEU B 316 -32.22 6.79 14.49
CA LEU B 316 -32.14 6.16 15.80
C LEU B 316 -33.06 6.82 16.82
N GLY B 317 -33.81 7.85 16.44
CA GLY B 317 -34.73 8.51 17.36
C GLY B 317 -34.07 9.39 18.39
N ILE B 318 -32.84 9.85 18.13
CA ILE B 318 -32.06 10.65 19.07
C ILE B 318 -31.44 11.86 18.35
N ALA B 319 -32.25 12.55 17.55
CA ALA B 319 -31.73 13.67 16.78
C ALA B 319 -31.04 14.70 17.66
N ASP B 320 -31.58 14.98 18.84
CA ASP B 320 -30.99 16.03 19.66
C ASP B 320 -29.72 15.61 20.40
N SER B 321 -29.21 14.41 20.14
CA SER B 321 -27.86 14.06 20.59
C SER B 321 -26.77 14.55 19.64
N HIS B 322 -27.15 15.15 18.51
CA HIS B 322 -26.19 15.63 17.53
C HIS B 322 -26.51 17.06 17.16
N GLY B 323 -25.53 17.95 17.32
CA GLY B 323 -25.69 19.34 16.99
C GLY B 323 -24.63 19.83 16.02
N PHE B 324 -24.96 20.92 15.34
CA PHE B 324 -24.04 21.59 14.43
C PHE B 324 -24.36 23.08 14.44
N ALA B 325 -23.34 23.90 14.66
CA ALA B 325 -23.53 25.35 14.62
C ALA B 325 -22.40 25.96 13.78
N GLN B 326 -22.78 26.69 12.75
CA GLN B 326 -21.83 27.26 11.80
C GLN B 326 -22.12 28.74 11.65
N VAL B 327 -21.11 29.57 11.94
CA VAL B 327 -21.26 31.02 11.98
C VAL B 327 -19.99 31.63 11.40
N GLY B 328 -20.04 32.94 11.18
CA GLY B 328 -18.84 33.68 10.86
C GLY B 328 -18.57 34.74 11.91
N GLY B 329 -17.62 35.62 11.64
CA GLY B 329 -17.39 36.78 12.47
C GLY B 329 -16.39 36.60 13.59
N HIS B 330 -15.46 35.64 13.48
CA HIS B 330 -14.45 35.50 14.52
C HIS B 330 -13.21 34.82 13.94
N ALA B 331 -12.09 35.06 14.62
CA ALA B 331 -10.81 34.51 14.18
C ALA B 331 -10.78 32.99 14.34
N HIS B 332 -9.94 32.35 13.53
CA HIS B 332 -9.81 30.90 13.55
C HIS B 332 -9.35 30.43 14.93
N CYS B 333 -10.15 29.54 15.54
CA CYS B 333 -9.94 28.93 16.84
C CYS B 333 -10.17 29.89 18.01
N ALA B 334 -10.57 31.13 17.76
CA ALA B 334 -11.04 32.00 18.82
C ALA B 334 -12.50 31.67 19.08
N TRP B 335 -12.85 31.41 20.34
CA TRP B 335 -14.20 30.97 20.65
C TRP B 335 -15.14 32.17 20.77
N PRO B 336 -16.22 32.22 19.98
CA PRO B 336 -17.16 33.35 20.10
C PRO B 336 -18.16 33.09 21.23
N SER B 337 -18.33 34.09 22.10
CA SER B 337 -19.23 33.92 23.23
C SER B 337 -20.65 33.62 22.79
N SER B 338 -21.01 33.98 21.57
CA SER B 338 -22.36 33.75 21.07
C SER B 338 -22.69 32.26 20.94
N LEU B 339 -21.67 31.39 20.89
CA LEU B 339 -21.89 29.95 20.79
C LEU B 339 -21.78 29.23 22.13
N THR B 340 -21.42 29.95 23.20
CA THR B 340 -21.31 29.30 24.50
C THR B 340 -22.59 28.65 24.97
N PRO B 341 -23.78 29.24 24.79
CA PRO B 341 -25.00 28.53 25.22
C PRO B 341 -25.15 27.18 24.56
N GLN B 342 -24.83 27.07 23.27
CA GLN B 342 -24.96 25.79 22.56
C GLN B 342 -23.96 24.78 23.08
N LEU B 343 -22.69 25.20 23.22
CA LEU B 343 -21.67 24.32 23.79
C LEU B 343 -22.07 23.84 25.18
N ASN B 344 -22.48 24.78 26.04
CA ASN B 344 -22.81 24.41 27.41
C ASN B 344 -24.04 23.51 27.48
N ALA B 345 -25.00 23.69 26.57
CA ALA B 345 -26.16 22.80 26.56
C ALA B 345 -25.73 21.35 26.42
N PHE B 346 -24.84 21.08 25.46
CA PHE B 346 -24.36 19.71 25.27
C PHE B 346 -23.52 19.22 26.45
N ILE B 347 -22.63 20.06 26.98
CA ILE B 347 -21.86 19.66 28.15
C ILE B 347 -22.79 19.39 29.34
N ASN B 348 -23.74 20.30 29.57
CA ASN B 348 -24.66 20.14 30.70
C ASN B 348 -25.43 18.84 30.60
N ARG B 349 -25.98 18.53 29.42
CA ARG B 349 -26.82 17.35 29.27
C ARG B 349 -26.01 16.07 29.32
N PHE B 350 -24.90 16.02 28.57
CA PHE B 350 -24.23 14.75 28.33
C PHE B 350 -23.01 14.50 29.21
N LEU B 351 -22.51 15.51 29.89
CA LEU B 351 -21.44 15.29 30.86
C LEU B 351 -21.84 15.60 32.30
N LEU B 352 -22.74 16.56 32.52
CA LEU B 352 -23.11 16.98 33.87
C LEU B 352 -24.46 16.45 34.33
N ASP B 353 -25.13 15.62 33.54
CA ASP B 353 -26.38 14.99 33.96
C ASP B 353 -27.46 16.02 34.30
N GLN B 354 -27.51 17.10 33.54
CA GLN B 354 -28.51 18.15 33.76
C GLN B 354 -29.62 18.06 32.73
N SER B 355 -30.77 18.62 33.10
CA SER B 355 -31.94 18.64 32.24
C SER B 355 -31.84 19.88 31.35
N ALA B 356 -31.19 19.70 30.19
CA ALA B 356 -30.96 20.79 29.25
C ALA B 356 -31.40 20.35 27.86
N THR B 357 -32.04 21.26 27.13
CA THR B 357 -32.33 21.00 25.73
C THR B 357 -31.06 21.15 24.90
N THR B 358 -30.99 20.41 23.79
CA THR B 358 -29.80 20.36 22.97
C THR B 358 -30.18 20.36 21.49
N ASN B 359 -31.12 21.21 21.11
CA ASN B 359 -31.54 21.34 19.72
C ASN B 359 -30.69 22.44 19.10
N VAL B 360 -29.69 22.04 18.31
CA VAL B 360 -28.73 22.97 17.72
C VAL B 360 -28.41 22.48 16.32
N PHE B 361 -28.93 23.19 15.31
CA PHE B 361 -28.56 22.85 13.93
C PHE B 361 -28.81 24.11 13.09
N THR B 362 -27.75 24.88 12.86
CA THR B 362 -27.90 26.20 12.24
CA THR B 362 -27.89 26.21 12.26
C THR B 362 -26.68 26.51 11.39
N THR B 363 -26.93 27.27 10.32
CA THR B 363 -25.86 27.80 9.46
C THR B 363 -26.32 29.13 8.88
N ASN B 364 -25.36 29.88 8.35
CA ASN B 364 -25.64 31.17 7.74
C ASN B 364 -25.64 31.10 6.21
N ASN B 365 -25.37 29.94 5.63
CA ASN B 365 -25.33 29.75 4.17
C ASN B 365 -24.28 30.62 3.48
N GLN B 366 -23.29 31.15 4.22
CA GLN B 366 -22.27 31.99 3.61
C GLN B 366 -21.16 31.09 3.06
N PHE B 367 -21.45 30.49 1.90
CA PHE B 367 -20.67 29.38 1.36
C PHE B 367 -19.83 29.77 0.14
N GLY B 368 -19.57 31.05 -0.06
CA GLY B 368 -18.76 31.45 -1.20
C GLY B 368 -19.51 31.27 -2.51
N LYS B 369 -18.85 30.65 -3.48
CA LYS B 369 -19.37 30.54 -4.83
C LYS B 369 -20.26 29.32 -5.04
N VAL B 370 -20.57 28.56 -4.00
CA VAL B 370 -21.36 27.34 -4.16
C VAL B 370 -22.59 27.39 -3.28
N GLN B 371 -23.53 26.51 -3.58
CA GLN B 371 -24.73 26.32 -2.78
C GLN B 371 -24.79 24.88 -2.31
N TRP B 372 -25.48 24.67 -1.19
CA TRP B 372 -25.86 23.34 -0.73
C TRP B 372 -27.26 23.02 -1.25
N ASN B 373 -27.36 21.96 -2.03
CA ASN B 373 -28.64 21.44 -2.51
C ASN B 373 -28.70 19.99 -2.05
N ALA B 374 -29.45 19.72 -0.99
CA ALA B 374 -29.46 18.38 -0.43
C ALA B 374 -29.87 17.33 -1.45
N ALA B 375 -30.76 17.68 -2.38
CA ALA B 375 -31.23 16.71 -3.37
C ALA B 375 -30.12 16.24 -4.31
N ASN B 376 -29.03 17.01 -4.43
CA ASN B 376 -27.91 16.61 -5.26
C ASN B 376 -26.90 15.74 -4.52
N TRP B 377 -27.13 15.47 -3.24
CA TRP B 377 -26.13 14.76 -2.44
C TRP B 377 -26.69 13.66 -1.56
N ILE B 378 -27.89 13.79 -1.03
CA ILE B 378 -28.50 12.83 -0.12
C ILE B 378 -29.66 12.19 -0.85
N THR B 379 -29.54 10.90 -1.16
CA THR B 379 -30.56 10.21 -1.93
C THR B 379 -31.42 9.27 -1.09
N TRP B 380 -31.05 9.02 0.16
CA TRP B 380 -31.76 8.07 0.98
C TRP B 380 -32.87 8.74 1.76
N THR B 381 -33.84 7.93 2.17
CA THR B 381 -34.95 8.32 3.03
C THR B 381 -34.68 7.73 4.40
N THR B 382 -34.68 8.58 5.42
CA THR B 382 -34.30 8.13 6.75
C THR B 382 -35.34 7.16 7.31
N PRO B 383 -34.96 5.93 7.65
CA PRO B 383 -35.92 5.01 8.27
C PRO B 383 -36.01 5.25 9.76
N THR B 384 -37.13 4.82 10.34
CA THR B 384 -37.27 4.78 11.80
C THR B 384 -36.79 3.40 12.25
N LEU B 385 -35.58 3.35 12.79
CA LEU B 385 -35.02 2.07 13.19
C LEU B 385 -35.68 1.57 14.46
N THR B 386 -36.02 0.29 14.47
CA THR B 386 -36.88 -0.28 15.52
C THR B 386 -36.07 -0.92 16.64
O1 XYP C . 0.30 24.63 1.55
C1 XYP C . -0.38 24.55 2.73
C2 XYP C . 0.51 25.08 3.86
C3 XYP C . -0.23 25.29 5.13
C4 XYP C . -1.51 26.04 4.94
C5 XYP C . -2.38 25.40 3.86
O2 XYP C . 1.53 24.09 4.11
O3 XYP C . 0.59 26.05 6.05
O4 XYP C . -2.20 26.07 6.18
O5 XYP C . -1.64 25.33 2.58
H1 XYP C . -0.59 23.62 2.93
H2 XYP C . 0.89 25.92 3.57
H3 XYP C . -0.43 24.41 5.50
H4 XYP C . -1.32 26.97 4.68
H51 XYP C . -3.18 25.92 3.75
H52 XYP C . -2.61 24.50 4.15
HO2 XYP C . 2.28 24.48 4.19
HO3 XYP C . 0.42 25.81 6.85
C1 XYP C . -3.31 26.91 6.32
C2 XYP C . -4.06 26.67 7.63
C3 XYP C . -5.19 27.63 7.80
C4 XYP C . -4.79 29.06 7.63
C5 XYP C . -3.99 29.26 6.34
O2 XYP C . -4.59 25.34 7.60
O3 XYP C . -5.75 27.45 9.12
O4 XYP C . -5.98 29.84 7.59
O5 XYP C . -2.84 28.33 6.27
H1 XYP C . -3.90 26.73 5.57
H2 XYP C . -3.46 26.77 8.37
H3 XYP C . -5.86 27.42 7.12
H4 XYP C . -4.25 29.35 8.38
H51 XYP C . -3.65 30.17 6.32
H52 XYP C . -4.57 29.11 5.58
HO3 XYP C . -6.57 27.25 9.06
HO4 XYP C . -5.86 30.57 8.03
C7 GCV C . -8.19 23.44 9.77
C1 GCV C . -3.81 24.23 8.08
C2 GCV C . -4.43 22.90 7.69
C3 GCV C . -5.83 22.84 8.20
C4 GCV C . -5.82 22.89 9.71
C5 GCV C . -5.25 24.24 10.15
C6 GCV C . -5.02 24.37 11.61
O2 GCV C . -4.34 22.88 6.27
O3 GCV C . -6.33 21.54 7.80
O4 GCV C . -7.12 22.65 10.25
O5 GCV C . -3.90 24.41 9.56
O6A GCV C . -5.20 25.50 12.18
O6B GCV C . -4.62 23.35 12.24
H71 GCV C . -9.00 23.23 10.26
H72 GCV C . -8.33 23.27 8.82
H73 GCV C . -7.98 24.38 9.90
H1 GCV C . -2.88 24.28 7.79
H2 GCV C . -3.96 22.13 8.06
H3 GCV C . -6.37 23.53 7.78
H4 GCV C . -5.28 22.17 10.07
H5 GCV C . -5.90 24.89 9.84
HO2 GCV C . -4.07 23.63 5.98
HO3 GCV C . -7.03 21.64 7.31
C1 NAG D . 1.02 -31.57 -24.74
C2 NAG D . 0.20 -32.67 -24.06
C3 NAG D . -0.33 -32.16 -22.72
C4 NAG D . 0.83 -31.67 -21.86
C5 NAG D . 1.66 -30.65 -22.61
C6 NAG D . 2.92 -30.26 -21.87
C7 NAG D . -1.18 -34.41 -25.10
C8 NAG D . -2.34 -34.70 -26.02
N2 NAG D . -0.88 -33.12 -24.92
O3 NAG D . -1.02 -33.20 -22.04
O4 NAG D . 0.32 -31.07 -20.67
O5 NAG D . 2.09 -31.17 -23.88
O6 NAG D . 3.74 -31.39 -21.63
O7 NAG D . -0.57 -35.31 -24.54
C1 EDO E . 25.53 -3.40 -22.85
O1 EDO E . 25.86 -3.72 -24.21
C2 EDO E . 24.06 -2.99 -22.73
O2 EDO E . 23.24 -4.08 -23.16
H11 EDO E . 26.16 -2.59 -22.50
H12 EDO E . 25.72 -4.27 -22.22
HO1 EDO E . 26.80 -3.94 -24.27
H21 EDO E . 23.87 -2.11 -23.35
H22 EDO E . 23.83 -2.73 -21.69
HO2 EDO E . 22.31 -3.82 -23.14
C1 GOL F . 11.02 -21.85 -7.32
O1 GOL F . 10.94 -21.30 -8.65
C2 GOL F . 12.27 -22.77 -7.25
O2 GOL F . 13.48 -22.06 -7.23
C3 GOL F . 12.10 -23.64 -5.96
O3 GOL F . 12.26 -22.81 -4.84
H11 GOL F . 10.23 -22.36 -7.09
H12 GOL F . 11.09 -21.15 -6.64
HO1 GOL F . 11.64 -20.84 -8.76
H2 GOL F . 12.30 -23.33 -8.05
HO2 GOL F . 13.64 -21.79 -8.02
H31 GOL F . 12.73 -24.37 -6.00
H32 GOL F . 11.22 -24.07 -6.00
HO3 GOL F . 13.07 -22.58 -4.83
C1 GOL G . 6.80 -22.69 -29.53
O1 GOL G . 6.96 -22.11 -28.27
C2 GOL G . 6.33 -24.12 -29.27
O2 GOL G . 5.09 -24.14 -28.65
C3 GOL G . 6.34 -24.81 -30.65
O3 GOL G . 5.15 -24.45 -31.29
H11 GOL G . 7.64 -22.71 -30.04
H12 GOL G . 6.17 -22.23 -30.09
HO1 GOL G . 7.07 -22.75 -27.72
H2 GOL G . 6.93 -24.59 -28.66
HO2 GOL G . 4.91 -23.34 -28.41
H31 GOL G . 6.43 -25.76 -30.52
H32 GOL G . 7.13 -24.54 -31.13
HO3 GOL G . 4.80 -23.82 -30.83
C1 GOL H . 20.05 -28.36 3.80
O1 GOL H . 21.36 -27.83 3.88
C2 GOL H . 19.08 -27.22 4.22
O2 GOL H . 18.90 -26.29 3.19
C3 GOL H . 17.75 -27.92 4.61
O3 GOL H . 17.25 -28.53 3.45
H11 GOL H . 19.92 -29.12 4.39
H12 GOL H . 19.82 -28.66 2.92
HO1 GOL H . 21.83 -28.41 4.31
H2 GOL H . 19.44 -26.73 4.97
HO2 GOL H . 18.07 -26.29 2.99
H31 GOL H . 17.16 -27.26 4.99
H32 GOL H . 17.93 -28.55 5.32
HO3 GOL H . 17.14 -29.35 3.64
C1 NAG I . -25.24 -8.16 5.38
C2 NAG I . -25.81 -9.44 6.00
C3 NAG I . -26.21 -9.16 7.44
C4 NAG I . -25.03 -8.61 8.23
C5 NAG I . -24.42 -7.39 7.52
C6 NAG I . -23.11 -6.95 8.14
C7 NAG I . -27.10 -11.24 4.95
C8 NAG I . -28.34 -11.59 4.16
N2 NAG I . -26.94 -9.94 5.23
O3 NAG I . -26.68 -10.35 8.05
O4 NAG I . -25.46 -8.21 9.53
O5 NAG I . -24.13 -7.71 6.14
O6 NAG I . -22.15 -7.99 8.14
O7 NAG I . -26.29 -12.09 5.30
C1 GOL J . -13.84 1.12 22.97
O1 GOL J . -14.26 1.70 21.71
C2 GOL J . -12.49 0.39 22.73
O2 GOL J . -11.42 1.26 22.57
C3 GOL J . -12.27 -0.59 23.94
O3 GOL J . -12.19 0.17 25.12
H11 GOL J . -14.49 0.49 23.32
H12 GOL J . -13.71 1.79 23.67
HO1 GOL J . -13.88 2.47 21.67
H2 GOL J . -12.56 -0.12 21.90
HO2 GOL J . -11.50 1.65 21.82
H31 GOL J . -11.48 -1.11 23.78
H32 GOL J . -13.00 -1.23 23.95
HO3 GOL J . -11.47 0.63 25.07
C1 GOL K . -21.23 1.89 1.21
O1 GOL K . -21.04 2.30 2.52
C2 GOL K . -21.46 0.38 1.30
O2 GOL K . -22.57 0.08 2.06
C3 GOL K . -21.57 -0.11 -0.15
O3 GOL K . -22.88 0.17 -0.57
H11 GOL K . -20.46 2.08 0.64
H12 GOL K . -21.98 2.31 0.78
HO1 GOL K . -20.61 1.68 2.91
H2 GOL K . -20.70 -0.06 1.74
HO2 GOL K . -22.72 0.74 2.58
H31 GOL K . -21.35 -1.06 -0.18
H32 GOL K . -20.90 0.33 -0.69
HO3 GOL K . -23.23 0.64 0.04
C1 GOL L . -14.28 3.57 38.18
O1 GOL L . -15.27 3.62 37.18
C2 GOL L . -12.95 4.08 37.55
O2 GOL L . -13.07 5.36 37.01
C3 GOL L . -11.88 4.04 38.68
O3 GOL L . -12.16 5.08 39.61
H11 GOL L . -14.14 2.67 38.53
H12 GOL L . -14.50 4.11 38.95
HO1 GOL L . -14.96 4.10 36.55
H2 GOL L . -12.70 3.49 36.83
HO2 GOL L . -13.76 5.72 37.36
H31 GOL L . -11.00 4.12 38.28
H32 GOL L . -11.90 3.16 39.09
HO3 GOL L . -12.60 4.73 40.25
C1 GOL M . -30.25 24.32 22.83
O1 GOL M . -31.53 23.73 22.87
C2 GOL M . -30.36 25.71 23.47
O2 GOL M . -30.81 25.65 24.78
C3 GOL M . -28.94 26.29 23.36
O3 GOL M . -28.94 27.47 24.11
H11 GOL M . -29.92 24.40 21.92
H12 GOL M . -29.59 23.79 23.31
HO1 GOL M . -31.74 23.67 23.69
H2 GOL M . -31.01 26.26 22.99
HO2 GOL M . -30.20 25.27 25.24
H31 GOL M . -28.73 26.44 22.42
H32 GOL M . -28.30 25.64 23.67
HO3 GOL M . -29.39 27.31 24.82
NA NA N . -12.78 7.16 38.70
#